data_4IRM
#
_entry.id   4IRM
#
_cell.length_a   128.400
_cell.length_b   128.400
_cell.length_c   90.510
_cell.angle_alpha   90.00
_cell.angle_beta   90.00
_cell.angle_gamma   120.00
#
_symmetry.space_group_name_H-M   'P 31 2 1'
#
loop_
_entity.id
_entity.type
_entity.pdbx_description
1 polymer 'Mn transporter; MntC'
2 non-polymer 'MANGANESE (II) ION'
#
_entity_poly.entity_id   1
_entity_poly.type   'polypeptide(L)'
_entity_poly.pdbx_seq_one_letter_code
;MATSFASRGGLLASGLAIAFWLTGCGTAEVTTSNAPSEEVTAVTTEVQGETEEKKKVLTTFTVLADMVQNVAGDKLVVES
ITRIGAEIHGYEPTPSDIVKAQDADLILYNGMNLEAWFEQFLGNVKDVPSVVLTEGIEPIPIADGPYTDKPNPHAWMSPR
NALVYVENIRQAFVELDPDNAKYYNANAAVYSEQLKAIDRQLGADLEQVPANQRFLVSCEGAFSYLARDYGMEEIYMWPI
NAEQQFTPKQVQTVIEEVKTNNVPTIFCESTVSDKGQKQVAQATGARFGGNLYVDSLSTEEGPVPTFLDLLEYDARVITN
GLLAGTNAQQ
;
_entity_poly.pdbx_strand_id   A,B,C
#
# COMPACT_ATOMS: atom_id res chain seq x y z
N LYS A 54 -6.59 -23.90 -22.99
CA LYS A 54 -5.79 -23.28 -21.93
C LYS A 54 -5.10 -24.29 -21.01
N LYS A 55 -4.06 -23.85 -20.35
CA LYS A 55 -3.34 -24.74 -19.53
C LYS A 55 -4.05 -24.79 -18.21
N LYS A 56 -4.15 -25.98 -17.66
CA LYS A 56 -4.85 -26.17 -16.45
C LYS A 56 -3.83 -25.98 -15.38
N VAL A 57 -4.27 -25.87 -14.14
CA VAL A 57 -3.36 -25.70 -13.04
C VAL A 57 -3.96 -26.16 -11.74
N LEU A 58 -3.14 -26.77 -10.93
CA LEU A 58 -3.66 -27.26 -9.71
C LEU A 58 -3.00 -26.73 -8.50
N THR A 59 -3.79 -26.63 -7.44
CA THR A 59 -3.29 -26.13 -6.17
C THR A 59 -3.32 -27.22 -5.10
N THR A 60 -2.77 -26.89 -3.93
CA THR A 60 -2.73 -27.85 -2.82
C THR A 60 -3.98 -27.75 -1.96
N PHE A 61 -4.47 -26.54 -1.73
CA PHE A 61 -5.78 -26.37 -1.11
C PHE A 61 -6.52 -25.30 -1.86
N THR A 62 -6.78 -24.19 -1.19
CA THR A 62 -7.55 -23.09 -1.77
C THR A 62 -7.03 -21.75 -1.30
N VAL A 63 -6.68 -21.67 -0.02
CA VAL A 63 -6.09 -20.46 0.53
C VAL A 63 -5.10 -19.92 -0.50
N LEU A 64 -4.73 -20.79 -1.43
CA LEU A 64 -3.83 -20.42 -2.52
C LEU A 64 -4.57 -20.52 -3.85
N ALA A 65 -5.69 -21.23 -3.87
CA ALA A 65 -6.48 -21.37 -5.08
C ALA A 65 -6.83 -20.01 -5.65
N ASP A 66 -7.42 -19.12 -4.84
CA ASP A 66 -7.71 -17.84 -5.40
C ASP A 66 -6.40 -17.15 -5.66
N MET A 67 -5.50 -17.27 -4.72
CA MET A 67 -4.25 -16.51 -4.82
C MET A 67 -3.65 -16.61 -6.22
N VAL A 68 -3.72 -17.81 -6.81
CA VAL A 68 -3.16 -18.02 -8.15
C VAL A 68 -4.15 -17.68 -9.26
N GLN A 69 -5.44 -17.88 -8.98
CA GLN A 69 -6.47 -17.62 -9.98
C GLN A 69 -6.64 -16.13 -10.17
N ASN A 70 -5.98 -15.36 -9.33
CA ASN A 70 -6.09 -13.95 -9.49
C ASN A 70 -4.96 -13.41 -10.28
N VAL A 71 -3.86 -14.14 -10.34
CA VAL A 71 -2.77 -13.80 -11.23
C VAL A 71 -3.01 -14.43 -12.60
N ALA A 72 -3.63 -15.60 -12.61
CA ALA A 72 -3.95 -16.28 -13.86
C ALA A 72 -5.00 -15.50 -14.65
N GLY A 73 -6.00 -14.98 -13.96
CA GLY A 73 -7.07 -14.25 -14.61
C GLY A 73 -8.04 -15.18 -15.32
N ASP A 74 -8.47 -14.76 -16.49
CA ASP A 74 -9.39 -15.56 -17.30
C ASP A 74 -8.64 -16.34 -18.38
N LYS A 75 -7.32 -16.31 -18.31
CA LYS A 75 -6.48 -16.99 -19.30
C LYS A 75 -6.35 -18.49 -19.05
N LEU A 76 -6.01 -18.90 -17.84
CA LEU A 76 -5.97 -20.32 -17.56
C LEU A 76 -7.17 -20.85 -16.88
N VAL A 77 -6.99 -21.99 -16.24
CA VAL A 77 -8.04 -22.52 -15.39
C VAL A 77 -7.44 -23.21 -14.18
N VAL A 78 -7.65 -22.64 -13.00
CA VAL A 78 -7.10 -23.20 -11.76
C VAL A 78 -8.18 -23.82 -10.90
N GLU A 79 -7.86 -24.98 -10.33
CA GLU A 79 -8.76 -25.68 -9.43
C GLU A 79 -7.97 -26.19 -8.25
N SER A 80 -8.59 -26.24 -7.07
CA SER A 80 -7.95 -26.83 -5.91
C SER A 80 -8.27 -28.32 -5.93
N ILE A 81 -7.88 -29.04 -4.88
CA ILE A 81 -8.25 -30.44 -4.76
C ILE A 81 -9.27 -30.58 -3.64
N THR A 82 -9.23 -29.68 -2.69
CA THR A 82 -10.19 -29.75 -1.63
C THR A 82 -11.34 -28.83 -1.90
N ARG A 83 -12.15 -28.59 -0.90
CA ARG A 83 -13.35 -27.79 -1.07
C ARG A 83 -13.68 -27.10 0.24
N ILE A 84 -14.35 -25.95 0.18
CA ILE A 84 -14.52 -25.07 1.32
C ILE A 84 -14.82 -25.90 2.58
N GLY A 85 -14.10 -25.59 3.66
CA GLY A 85 -14.30 -26.26 4.93
C GLY A 85 -13.76 -27.67 4.98
N ALA A 86 -12.44 -27.79 5.13
CA ALA A 86 -11.79 -29.09 5.28
C ALA A 86 -10.35 -28.94 5.75
N GLU A 87 -9.94 -29.78 6.70
CA GLU A 87 -8.58 -29.73 7.22
C GLU A 87 -7.55 -29.93 6.12
N ILE A 88 -6.86 -28.85 5.76
CA ILE A 88 -5.84 -28.91 4.72
C ILE A 88 -4.53 -29.48 5.25
N HIS A 89 -4.60 -30.08 6.43
CA HIS A 89 -3.42 -30.68 7.05
C HIS A 89 -3.36 -32.19 6.81
N GLY A 90 -4.21 -32.66 5.91
CA GLY A 90 -4.26 -34.08 5.59
C GLY A 90 -5.68 -34.60 5.53
N TYR A 91 -5.83 -35.85 5.10
CA TYR A 91 -7.14 -36.50 5.01
C TYR A 91 -7.93 -35.98 3.82
N GLU A 92 -8.93 -36.75 3.41
CA GLU A 92 -9.77 -36.37 2.27
C GLU A 92 -9.05 -36.64 0.95
N PRO A 93 -8.07 -37.54 0.98
CA PRO A 93 -7.31 -37.88 -0.22
C PRO A 93 -7.91 -39.08 -0.95
N THR A 94 -8.77 -38.82 -1.95
CA THR A 94 -9.41 -39.87 -2.71
C THR A 94 -8.88 -39.92 -4.14
N PRO A 95 -8.96 -41.09 -4.77
CA PRO A 95 -8.50 -41.26 -6.14
C PRO A 95 -8.52 -39.95 -6.92
N SER A 96 -9.61 -39.20 -6.79
CA SER A 96 -9.75 -37.92 -7.49
C SER A 96 -8.41 -37.20 -7.58
N ASP A 97 -8.12 -36.65 -8.76
CA ASP A 97 -6.88 -35.94 -8.99
C ASP A 97 -6.96 -35.06 -10.23
N GLN A 102 -5.07 -36.94 -12.38
CA GLN A 102 -4.23 -35.79 -12.05
C GLN A 102 -3.40 -35.35 -13.26
N ASP A 103 -3.75 -34.18 -13.82
CA ASP A 103 -3.07 -33.66 -15.03
C ASP A 103 -3.39 -32.23 -15.50
N ALA A 104 -2.60 -31.26 -15.03
CA ALA A 104 -2.82 -29.87 -15.38
C ALA A 104 -1.65 -29.24 -16.13
N ASP A 105 -0.44 -29.74 -15.88
CA ASP A 105 0.77 -29.20 -16.51
C ASP A 105 1.43 -28.21 -15.56
N LEU A 106 1.13 -28.37 -14.27
CA LEU A 106 1.65 -27.51 -13.21
C LEU A 106 0.82 -27.69 -11.99
N ILE A 107 1.51 -27.88 -10.90
CA ILE A 107 0.89 -28.00 -9.59
C ILE A 107 1.56 -27.06 -8.59
N LEU A 108 0.79 -26.27 -7.90
CA LEU A 108 1.44 -25.35 -7.06
C LEU A 108 1.11 -25.80 -5.72
N TYR A 109 1.90 -25.38 -4.74
CA TYR A 109 1.66 -25.71 -3.33
C TYR A 109 2.42 -24.80 -2.38
N ASN A 110 2.32 -25.08 -1.10
CA ASN A 110 2.88 -24.17 -0.12
C ASN A 110 4.15 -24.73 0.40
N GLY A 111 4.20 -26.04 0.43
CA GLY A 111 5.35 -26.72 1.01
C GLY A 111 5.35 -26.57 2.52
N MET A 112 6.52 -26.46 3.10
CA MET A 112 6.64 -26.31 4.53
C MET A 112 5.83 -27.31 5.30
N ASN A 113 5.83 -28.55 4.86
CA ASN A 113 5.20 -29.68 5.54
C ASN A 113 3.74 -29.46 5.95
N LEU A 114 3.13 -28.39 5.44
CA LEU A 114 1.69 -28.24 5.56
C LEU A 114 1.29 -28.77 4.20
N GLU A 115 0.22 -29.53 4.15
CA GLU A 115 -0.29 -30.04 2.91
C GLU A 115 0.58 -31.10 2.32
N ALA A 116 1.56 -31.52 3.09
CA ALA A 116 2.47 -32.59 2.72
C ALA A 116 1.78 -33.95 2.57
N TRP A 117 0.45 -33.96 2.61
CA TRP A 117 -0.32 -35.17 2.34
C TRP A 117 -0.05 -35.64 0.93
N PHE A 118 0.31 -34.75 0.06
CA PHE A 118 0.51 -35.24 -1.25
C PHE A 118 1.96 -35.56 -1.57
N GLU A 119 2.85 -35.23 -0.67
CA GLU A 119 4.29 -35.32 -0.91
C GLU A 119 4.59 -36.75 -1.33
N GLN A 120 3.74 -37.67 -0.91
CA GLN A 120 3.90 -39.01 -1.35
C GLN A 120 3.01 -39.27 -2.54
N PHE A 121 1.86 -38.62 -2.54
CA PHE A 121 0.87 -38.80 -3.59
C PHE A 121 1.46 -38.51 -4.97
N LEU A 122 2.57 -37.77 -4.99
CA LEU A 122 3.27 -37.51 -6.24
C LEU A 122 3.80 -38.81 -6.82
N GLY A 123 4.06 -39.79 -5.95
CA GLY A 123 4.60 -41.07 -6.37
C GLY A 123 3.76 -41.78 -7.42
N ASN A 124 2.50 -41.38 -7.55
CA ASN A 124 1.61 -41.96 -8.55
C ASN A 124 1.92 -41.48 -9.98
N VAL A 125 2.53 -40.29 -10.07
CA VAL A 125 2.87 -39.66 -11.35
C VAL A 125 4.25 -39.06 -11.41
N LYS A 126 4.72 -38.73 -12.60
CA LYS A 126 6.02 -38.12 -12.74
C LYS A 126 5.87 -36.80 -13.47
N ASP A 127 6.96 -36.06 -13.63
CA ASP A 127 6.93 -34.71 -14.20
C ASP A 127 5.86 -33.93 -13.54
N VAL A 128 5.11 -33.28 -14.44
CA VAL A 128 4.20 -32.19 -14.23
C VAL A 128 4.70 -31.31 -13.11
N PRO A 129 5.94 -30.85 -13.26
CA PRO A 129 6.71 -30.13 -12.28
C PRO A 129 5.85 -29.07 -11.65
N SER A 130 5.61 -29.27 -10.37
CA SER A 130 5.07 -28.30 -9.52
C SER A 130 6.15 -27.37 -9.09
N VAL A 131 5.82 -26.59 -8.10
CA VAL A 131 6.62 -25.47 -7.62
C VAL A 131 6.19 -25.04 -6.23
N VAL A 132 7.14 -24.87 -5.34
CA VAL A 132 6.79 -24.38 -4.05
C VAL A 132 6.51 -22.93 -4.26
N LEU A 133 5.93 -22.26 -3.31
CA LEU A 133 5.73 -20.91 -3.56
C LEU A 133 6.50 -20.33 -2.44
N THR A 134 6.42 -21.02 -1.33
CA THR A 134 7.04 -20.54 -0.12
C THR A 134 8.54 -20.60 -0.31
N GLU A 135 9.10 -19.57 -0.94
CA GLU A 135 10.53 -19.52 -1.20
C GLU A 135 11.03 -18.07 -1.27
N GLY A 136 11.05 -17.40 -0.13
CA GLY A 136 11.50 -16.02 -0.07
C GLY A 136 12.95 -15.90 0.37
N ILE A 137 13.20 -16.17 1.65
CA ILE A 137 12.15 -16.54 2.58
C ILE A 137 12.69 -16.77 3.97
N GLU A 138 11.80 -17.03 4.92
CA GLU A 138 12.19 -17.28 6.29
C GLU A 138 10.98 -17.67 7.06
N PRO A 139 11.07 -18.67 7.92
CA PRO A 139 9.92 -19.05 8.72
C PRO A 139 10.21 -18.85 10.15
N ILE A 140 9.16 -18.63 10.89
CA ILE A 140 9.29 -18.63 12.34
C ILE A 140 8.97 -20.07 12.76
N PRO A 141 9.70 -20.63 13.71
CA PRO A 141 9.55 -22.06 13.97
C PRO A 141 8.40 -22.41 14.80
N ILE A 142 8.42 -23.62 15.26
CA ILE A 142 7.33 -24.16 15.99
C ILE A 142 7.69 -24.25 17.43
N ALA A 143 6.72 -24.01 18.29
CA ALA A 143 7.07 -24.07 19.70
C ALA A 143 6.99 -25.49 20.25
N ASP A 144 5.80 -26.02 20.42
CA ASP A 144 5.66 -27.27 21.16
C ASP A 144 5.08 -28.39 20.34
N GLY A 145 4.93 -29.53 20.96
CA GLY A 145 4.32 -30.67 20.29
C GLY A 145 5.19 -31.27 19.21
N PRO A 146 4.70 -32.35 18.56
CA PRO A 146 5.39 -32.91 17.39
C PRO A 146 5.57 -31.83 16.35
N TYR A 147 6.55 -31.97 15.47
CA TYR A 147 7.01 -30.90 14.60
C TYR A 147 7.64 -29.78 15.43
N THR A 148 8.21 -30.14 16.59
CA THR A 148 8.89 -29.14 17.41
C THR A 148 10.08 -28.58 16.65
N ASP A 149 10.14 -27.27 16.55
CA ASP A 149 11.18 -26.64 15.79
C ASP A 149 11.10 -27.16 14.38
N LYS A 150 9.92 -27.10 13.82
CA LYS A 150 9.69 -27.22 12.40
C LYS A 150 9.27 -25.87 11.86
N PRO A 151 9.24 -25.71 10.53
CA PRO A 151 8.76 -24.42 10.02
C PRO A 151 7.26 -24.26 10.19
N ASN A 152 6.82 -23.17 10.76
CA ASN A 152 5.42 -22.94 10.73
C ASN A 152 5.17 -22.69 9.29
N PRO A 153 4.02 -23.15 8.79
CA PRO A 153 3.71 -23.08 7.36
C PRO A 153 2.62 -22.08 6.98
N HIS A 154 1.86 -21.58 7.95
CA HIS A 154 0.83 -20.60 7.66
C HIS A 154 1.49 -19.26 7.40
N ALA A 155 2.16 -19.16 6.26
CA ALA A 155 2.96 -17.98 5.97
C ALA A 155 2.24 -16.97 5.09
N TRP A 156 1.06 -17.34 4.60
CA TRP A 156 0.27 -16.44 3.76
C TRP A 156 -0.50 -15.44 4.62
N MET A 157 -0.54 -15.59 5.91
CA MET A 157 -1.34 -14.67 6.66
C MET A 157 -0.58 -13.46 7.03
N SER A 158 0.60 -13.30 6.45
CA SER A 158 1.33 -12.04 6.53
C SER A 158 1.40 -11.40 5.15
N PRO A 159 0.65 -10.30 4.98
CA PRO A 159 0.51 -9.58 3.70
C PRO A 159 1.84 -9.30 2.99
N ARG A 160 2.89 -9.25 3.79
CA ARG A 160 4.23 -8.92 3.35
C ARG A 160 4.81 -10.11 2.67
N ASN A 161 4.39 -11.29 3.07
CA ASN A 161 4.91 -12.39 2.29
C ASN A 161 3.94 -12.88 1.33
N ALA A 162 2.68 -12.74 1.65
CA ALA A 162 1.76 -13.08 0.58
C ALA A 162 2.14 -12.28 -0.67
N LEU A 163 2.99 -11.32 -0.47
CA LEU A 163 3.54 -10.62 -1.57
C LEU A 163 4.31 -11.65 -2.28
N VAL A 164 5.29 -12.16 -1.55
CA VAL A 164 6.33 -12.96 -2.11
C VAL A 164 5.67 -13.82 -3.11
N TYR A 165 4.67 -14.51 -2.67
CA TYR A 165 4.06 -15.48 -3.53
C TYR A 165 3.68 -14.87 -4.80
N VAL A 166 2.86 -13.85 -4.72
CA VAL A 166 2.32 -13.26 -5.94
C VAL A 166 3.42 -12.92 -6.95
N GLU A 167 4.66 -12.89 -6.47
CA GLU A 167 5.81 -12.66 -7.34
C GLU A 167 6.45 -14.00 -7.68
N ASN A 168 6.44 -14.91 -6.71
CA ASN A 168 6.95 -16.25 -6.93
C ASN A 168 6.00 -17.06 -7.80
N ILE A 169 4.71 -16.89 -7.55
CA ILE A 169 3.68 -17.55 -8.35
C ILE A 169 3.85 -17.20 -9.82
N ARG A 170 3.97 -15.93 -10.07
CA ARG A 170 4.23 -15.47 -11.39
C ARG A 170 5.30 -16.33 -11.96
N GLN A 171 6.46 -16.31 -11.33
CA GLN A 171 7.67 -16.94 -11.84
C GLN A 171 7.33 -18.27 -12.50
N ALA A 172 6.44 -19.03 -11.86
CA ALA A 172 6.04 -20.34 -12.36
C ALA A 172 5.08 -20.24 -13.53
N PHE A 173 4.47 -19.10 -13.66
CA PHE A 173 3.61 -19.04 -14.76
C PHE A 173 4.41 -18.84 -15.98
N VAL A 174 5.16 -17.77 -16.03
CA VAL A 174 5.79 -17.41 -17.28
C VAL A 174 6.74 -18.48 -17.73
N GLU A 175 7.22 -19.30 -16.79
CA GLU A 175 8.11 -20.43 -17.08
C GLU A 175 7.50 -21.31 -18.12
N LEU A 176 6.17 -21.41 -18.11
CA LEU A 176 5.46 -22.24 -19.06
C LEU A 176 4.53 -21.40 -19.93
N ASP A 177 4.60 -21.65 -21.24
CA ASP A 177 3.77 -20.92 -22.20
C ASP A 177 3.81 -19.41 -21.94
N PRO A 178 4.95 -18.80 -22.24
CA PRO A 178 5.12 -17.35 -22.05
C PRO A 178 4.30 -16.56 -23.06
N ASP A 179 3.53 -17.27 -23.88
CA ASP A 179 2.70 -16.63 -24.89
C ASP A 179 2.01 -15.42 -24.32
N ASN A 180 1.52 -15.59 -23.13
CA ASN A 180 0.86 -14.56 -22.34
C ASN A 180 1.72 -14.19 -21.13
N ALA A 181 2.97 -13.83 -21.38
CA ALA A 181 3.87 -13.43 -20.31
C ALA A 181 3.51 -12.02 -19.82
N LYS A 182 2.84 -11.30 -20.65
CA LYS A 182 2.62 -9.95 -20.27
C LYS A 182 1.38 -9.80 -19.45
N TYR A 183 0.57 -10.80 -19.51
CA TYR A 183 -0.67 -10.81 -18.73
C TYR A 183 -0.41 -11.02 -17.24
N TYR A 184 0.49 -11.89 -16.92
CA TYR A 184 0.69 -12.10 -15.54
C TYR A 184 1.28 -10.86 -15.04
N ASN A 185 2.33 -10.44 -15.71
CA ASN A 185 3.03 -9.26 -15.30
C ASN A 185 2.08 -8.14 -15.01
N ALA A 186 0.99 -8.06 -15.75
CA ALA A 186 -0.05 -7.06 -15.58
C ALA A 186 -0.97 -7.43 -14.42
N ASN A 187 -1.12 -8.71 -14.18
CA ASN A 187 -1.93 -9.02 -13.05
C ASN A 187 -1.15 -8.90 -11.80
N ALA A 188 -0.06 -9.63 -11.74
CA ALA A 188 0.69 -9.69 -10.49
C ALA A 188 0.97 -8.29 -9.94
N ALA A 189 1.30 -7.36 -10.82
CA ALA A 189 1.62 -5.99 -10.42
C ALA A 189 0.40 -5.30 -9.83
N VAL A 190 -0.74 -5.64 -10.34
CA VAL A 190 -1.89 -5.04 -9.78
C VAL A 190 -2.02 -5.63 -8.46
N TYR A 191 -2.14 -6.95 -8.41
CA TYR A 191 -2.45 -7.53 -7.16
C TYR A 191 -1.49 -6.96 -6.21
N SER A 192 -0.24 -7.17 -6.48
CA SER A 192 0.81 -6.82 -5.52
C SER A 192 0.45 -5.51 -4.81
N GLU A 193 -0.11 -4.58 -5.53
CA GLU A 193 -0.45 -3.37 -4.86
C GLU A 193 -1.50 -3.62 -3.88
N GLN A 194 -2.56 -4.24 -4.34
CA GLN A 194 -3.68 -4.47 -3.49
C GLN A 194 -3.23 -5.05 -2.19
N LEU A 195 -2.15 -5.80 -2.23
CA LEU A 195 -1.68 -6.44 -1.06
C LEU A 195 -1.07 -5.37 -0.25
N LYS A 196 -0.20 -4.66 -0.90
CA LYS A 196 0.53 -3.59 -0.23
C LYS A 196 -0.43 -2.55 0.34
N ALA A 197 -1.64 -2.51 -0.19
CA ALA A 197 -2.65 -1.55 0.23
C ALA A 197 -3.36 -1.98 1.51
N ILE A 198 -3.67 -3.26 1.61
CA ILE A 198 -4.33 -3.80 2.78
C ILE A 198 -3.42 -3.73 4.01
N ASP A 199 -2.12 -3.92 3.78
CA ASP A 199 -1.14 -3.87 4.86
C ASP A 199 -1.39 -2.65 5.74
N ARG A 200 -1.64 -1.50 5.11
CA ARG A 200 -1.91 -0.27 5.85
C ARG A 200 -3.21 -0.39 6.63
N GLN A 201 -4.17 -1.10 6.06
CA GLN A 201 -5.46 -1.30 6.72
C GLN A 201 -5.32 -2.24 7.91
N LEU A 202 -4.62 -3.36 7.70
CA LEU A 202 -4.39 -4.32 8.76
C LEU A 202 -3.53 -3.71 9.86
N GLY A 203 -2.46 -3.03 9.47
CA GLY A 203 -1.57 -2.37 10.41
C GLY A 203 -2.21 -1.19 11.11
N ALA A 204 -3.08 -0.48 10.41
CA ALA A 204 -3.67 0.74 10.95
C ALA A 204 -4.88 0.47 11.85
N ASP A 205 -5.39 -0.76 11.81
CA ASP A 205 -6.58 -1.12 12.58
C ASP A 205 -6.20 -1.77 13.92
N LEU A 206 -5.27 -2.70 13.89
CA LEU A 206 -4.82 -3.37 15.11
C LEU A 206 -3.89 -2.48 15.93
N GLU A 207 -3.56 -1.32 15.39
CA GLU A 207 -2.67 -0.38 16.08
C GLU A 207 -3.38 0.38 17.19
N GLN A 208 -4.66 0.66 17.00
CA GLN A 208 -5.45 1.31 18.04
C GLN A 208 -6.03 0.36 19.08
N VAL A 209 -5.15 -0.34 19.81
CA VAL A 209 -5.60 -1.31 20.80
C VAL A 209 -4.67 -1.48 21.99
N PRO A 210 -3.77 -0.53 22.20
CA PRO A 210 -2.83 -0.59 23.32
C PRO A 210 -3.66 -0.64 24.61
N ALA A 211 -3.01 -0.92 25.74
CA ALA A 211 -1.57 -1.16 25.76
C ALA A 211 -1.22 -2.46 25.02
N ASN A 212 -0.91 -3.49 25.79
CA ASN A 212 -0.54 -4.79 25.22
C ASN A 212 -1.76 -5.53 24.67
N GLN A 213 -2.83 -5.56 25.46
CA GLN A 213 -4.05 -6.24 25.06
C GLN A 213 -4.19 -6.27 23.54
N ARG A 214 -3.69 -7.34 22.92
CA ARG A 214 -3.76 -7.49 21.48
C ARG A 214 -3.42 -8.92 21.06
N PHE A 215 -2.92 -9.70 22.01
CA PHE A 215 -2.57 -11.09 21.74
C PHE A 215 -3.94 -11.64 21.35
N LEU A 216 -4.08 -11.98 20.07
CA LEU A 216 -5.23 -12.74 19.59
C LEU A 216 -5.11 -14.19 20.03
N VAL A 217 -6.26 -14.85 20.18
CA VAL A 217 -6.34 -16.22 20.69
C VAL A 217 -7.11 -17.14 19.74
N SER A 218 -6.56 -18.32 19.47
CA SER A 218 -7.13 -19.22 18.48
C SER A 218 -6.91 -20.66 18.89
N CYS A 219 -6.94 -21.56 17.91
CA CYS A 219 -6.70 -22.93 18.23
C CYS A 219 -5.46 -23.43 17.50
N GLU A 220 -5.49 -23.32 16.17
CA GLU A 220 -4.36 -23.73 15.34
C GLU A 220 -3.33 -22.61 15.23
N GLY A 221 -3.24 -21.79 16.26
CA GLY A 221 -2.30 -20.69 16.27
C GLY A 221 -1.64 -20.51 14.92
N ALA A 222 -2.41 -20.05 13.94
CA ALA A 222 -1.93 -19.89 12.58
C ALA A 222 -1.48 -18.45 12.30
N PHE A 223 -1.84 -17.53 13.19
CA PHE A 223 -1.48 -16.14 12.99
C PHE A 223 -0.14 -15.77 13.50
N SER A 224 0.79 -16.71 13.49
CA SER A 224 2.10 -16.51 14.07
C SER A 224 2.85 -15.42 13.31
N TYR A 225 2.51 -15.21 12.07
CA TYR A 225 3.20 -14.16 11.42
C TYR A 225 2.37 -12.92 11.63
N LEU A 226 1.09 -13.00 11.44
CA LEU A 226 0.30 -11.84 11.67
C LEU A 226 0.75 -11.17 12.95
N ALA A 227 0.96 -11.98 13.98
CA ALA A 227 1.38 -11.44 15.27
C ALA A 227 2.86 -11.07 15.25
N ARG A 228 3.57 -11.54 14.22
CA ARG A 228 4.98 -11.18 14.05
C ARG A 228 5.10 -9.76 13.51
N ASP A 229 4.20 -9.42 12.60
CA ASP A 229 4.25 -8.11 11.98
C ASP A 229 3.91 -7.06 12.99
N TYR A 230 2.83 -7.24 13.68
CA TYR A 230 2.36 -6.24 14.63
C TYR A 230 2.33 -6.90 16.00
N GLY A 231 1.59 -6.29 16.93
CA GLY A 231 1.45 -6.83 18.27
C GLY A 231 0.91 -8.23 18.46
N GLU A 234 0.05 -13.17 22.00
CA GLU A 234 -0.37 -14.29 21.20
C GLU A 234 -0.61 -15.48 22.09
N ILE A 235 -1.49 -16.34 21.64
CA ILE A 235 -1.93 -17.47 22.44
C ILE A 235 -2.65 -18.50 21.57
N TYR A 236 -2.34 -19.78 21.85
CA TYR A 236 -2.89 -20.95 21.13
C TYR A 236 -3.03 -22.29 21.85
N MET A 237 -4.07 -23.03 21.49
CA MET A 237 -4.31 -24.27 22.19
C MET A 237 -3.36 -25.31 21.73
N TRP A 238 -3.04 -25.28 20.47
CA TRP A 238 -2.00 -26.14 19.92
C TRP A 238 -1.30 -25.48 18.74
N PRO A 239 -0.05 -25.72 18.60
CA PRO A 239 0.76 -25.08 17.58
C PRO A 239 0.34 -25.44 16.19
N ILE A 240 0.01 -26.67 15.86
CA ILE A 240 -0.59 -26.75 14.56
C ILE A 240 -1.48 -27.96 14.60
N ASN A 241 -1.99 -28.37 13.44
CA ASN A 241 -2.86 -29.52 13.36
C ASN A 241 -2.10 -30.84 13.40
N ALA A 242 -2.54 -31.74 14.28
CA ALA A 242 -1.89 -33.04 14.43
C ALA A 242 -2.43 -33.79 15.64
N GLU A 243 -3.03 -34.95 15.39
CA GLU A 243 -3.58 -35.77 16.46
C GLU A 243 -4.87 -35.17 17.02
N GLN A 244 -4.78 -34.63 18.24
CA GLN A 244 -5.94 -34.04 18.89
C GLN A 244 -5.52 -32.83 19.73
N GLN A 245 -6.40 -32.43 20.66
CA GLN A 245 -6.13 -31.30 21.52
C GLN A 245 -5.66 -31.65 22.89
N PHE A 246 -4.41 -31.30 23.18
CA PHE A 246 -3.81 -31.57 24.47
C PHE A 246 -4.84 -31.47 25.59
N THR A 247 -4.92 -32.52 26.41
CA THR A 247 -5.87 -32.55 27.52
C THR A 247 -5.54 -31.48 28.55
N PRO A 248 -6.42 -31.33 29.54
CA PRO A 248 -6.22 -30.32 30.60
C PRO A 248 -4.87 -29.61 30.46
N LYS A 249 -3.79 -30.32 30.76
CA LYS A 249 -2.45 -29.75 30.67
C LYS A 249 -2.36 -28.75 29.52
N GLN A 250 -3.12 -29.01 28.45
CA GLN A 250 -3.13 -28.13 27.29
C GLN A 250 -4.15 -27.01 27.45
N VAL A 251 -5.42 -27.36 27.39
CA VAL A 251 -6.45 -26.42 27.53
C VAL A 251 -5.99 -25.53 28.64
N GLN A 252 -5.83 -26.10 29.81
CA GLN A 252 -5.65 -25.29 31.01
C GLN A 252 -4.57 -24.23 30.80
N THR A 253 -3.60 -24.60 30.01
CA THR A 253 -2.57 -23.71 29.74
C THR A 253 -3.13 -22.47 29.12
N VAL A 254 -4.17 -22.59 28.33
CA VAL A 254 -4.70 -21.37 27.81
C VAL A 254 -5.63 -20.78 28.83
N ILE A 255 -6.34 -21.64 29.55
CA ILE A 255 -7.28 -21.15 30.54
C ILE A 255 -6.62 -20.17 31.45
N GLU A 256 -5.43 -20.51 31.80
CA GLU A 256 -4.72 -19.66 32.73
C GLU A 256 -4.22 -18.38 32.08
N GLU A 257 -3.68 -18.43 30.90
CA GLU A 257 -3.10 -17.21 30.48
C GLU A 257 -4.12 -16.23 30.04
N VAL A 258 -5.31 -16.71 29.68
CA VAL A 258 -6.36 -15.78 29.30
C VAL A 258 -6.69 -14.92 30.51
N LYS A 259 -6.58 -15.50 31.70
CA LYS A 259 -6.94 -14.82 32.94
C LYS A 259 -5.72 -14.27 33.68
N THR A 260 -4.59 -14.13 33.00
CA THR A 260 -3.40 -13.54 33.62
C THR A 260 -3.18 -12.13 33.10
N ASN A 261 -3.86 -11.81 31.99
CA ASN A 261 -3.57 -10.60 31.23
C ASN A 261 -4.53 -9.39 31.24
N ASN A 262 -5.84 -9.59 31.39
CA ASN A 262 -6.44 -10.88 31.72
C ASN A 262 -7.55 -11.28 30.74
N VAL A 263 -7.84 -10.41 29.76
CA VAL A 263 -8.88 -10.68 28.77
C VAL A 263 -8.41 -10.32 27.36
N PRO A 264 -9.33 -10.27 26.40
CA PRO A 264 -10.74 -10.56 26.68
C PRO A 264 -11.23 -11.81 25.94
N THR A 265 -11.89 -11.60 24.81
CA THR A 265 -12.41 -12.71 24.02
C THR A 265 -11.31 -13.32 23.14
N ILE A 266 -11.47 -14.60 22.81
CA ILE A 266 -10.50 -15.29 21.98
C ILE A 266 -11.05 -15.54 20.58
N PHE A 267 -10.66 -16.66 19.98
CA PHE A 267 -11.11 -17.01 18.64
C PHE A 267 -10.73 -18.43 18.28
N CYS A 268 -11.46 -19.04 17.35
CA CYS A 268 -10.97 -20.29 16.80
C CYS A 268 -11.09 -20.31 15.28
N GLU A 269 -10.61 -21.40 14.68
CA GLU A 269 -10.66 -21.55 13.23
C GLU A 269 -11.85 -22.39 12.80
N SER A 270 -12.53 -21.98 11.73
CA SER A 270 -13.69 -22.69 11.23
C SER A 270 -14.08 -23.85 12.15
N THR A 271 -13.79 -25.07 11.72
CA THR A 271 -14.09 -26.26 12.50
C THR A 271 -12.88 -27.16 12.64
N VAL A 272 -12.97 -28.14 13.54
CA VAL A 272 -14.17 -28.32 14.35
C VAL A 272 -13.80 -28.68 15.79
N SER A 273 -12.74 -28.07 16.30
CA SER A 273 -12.29 -28.32 17.66
C SER A 273 -13.04 -27.28 18.48
N ASP A 274 -14.34 -27.50 18.65
CA ASP A 274 -15.18 -26.63 19.46
C ASP A 274 -14.86 -27.03 20.90
N LYS A 275 -14.81 -28.32 21.17
CA LYS A 275 -14.59 -28.75 22.55
C LYS A 275 -13.48 -27.92 23.20
N GLY A 276 -12.39 -27.72 22.47
CA GLY A 276 -11.31 -26.96 23.05
C GLY A 276 -11.67 -25.52 23.33
N GLN A 277 -11.81 -24.71 22.33
CA GLN A 277 -11.98 -23.34 22.69
C GLN A 277 -13.29 -23.10 23.39
N LYS A 278 -14.36 -23.83 23.06
CA LYS A 278 -15.61 -23.50 23.68
C LYS A 278 -15.35 -23.41 25.16
N GLN A 279 -14.90 -24.53 25.70
CA GLN A 279 -14.83 -24.68 27.15
C GLN A 279 -14.23 -23.47 27.85
N VAL A 280 -13.16 -22.96 27.30
CA VAL A 280 -12.46 -21.93 28.00
C VAL A 280 -13.29 -20.65 28.02
N ALA A 281 -14.13 -20.50 27.02
CA ALA A 281 -15.01 -19.34 26.95
C ALA A 281 -15.91 -19.22 28.17
N GLN A 282 -16.57 -20.31 28.52
CA GLN A 282 -17.47 -20.33 29.67
C GLN A 282 -16.80 -20.97 30.88
N ALA A 283 -15.48 -20.79 30.98
CA ALA A 283 -14.72 -21.35 32.09
C ALA A 283 -13.57 -20.44 32.49
N THR A 284 -13.75 -19.13 32.28
CA THR A 284 -12.73 -18.15 32.60
C THR A 284 -13.29 -16.73 32.57
N GLY A 285 -13.91 -16.38 31.44
CA GLY A 285 -14.49 -15.06 31.25
C GLY A 285 -14.31 -14.55 29.83
N ALA A 286 -14.75 -15.35 28.85
CA ALA A 286 -14.65 -14.97 27.45
C ALA A 286 -16.03 -14.80 26.83
N ARG A 287 -16.08 -14.75 25.50
CA ARG A 287 -17.35 -14.60 24.79
C ARG A 287 -17.31 -15.37 23.50
N PHE A 288 -16.19 -16.01 23.26
CA PHE A 288 -16.05 -16.88 22.09
C PHE A 288 -16.43 -16.28 20.74
N GLY A 289 -15.64 -15.31 20.29
CA GLY A 289 -15.89 -14.66 19.02
C GLY A 289 -16.04 -15.57 17.82
N GLY A 290 -16.50 -15.01 16.70
CA GLY A 290 -16.71 -15.77 15.49
C GLY A 290 -15.44 -16.41 14.96
N ASN A 291 -15.59 -17.39 14.07
CA ASN A 291 -14.44 -18.10 13.51
C ASN A 291 -13.52 -17.21 12.69
N LEU A 292 -12.24 -17.54 12.79
CA LEU A 292 -11.21 -16.88 12.05
C LEU A 292 -11.07 -17.68 10.83
N TYR A 293 -10.42 -17.12 9.80
CA TYR A 293 -10.23 -17.84 8.54
C TYR A 293 -8.75 -17.91 8.17
N VAL A 294 -8.30 -19.10 7.78
CA VAL A 294 -6.92 -19.31 7.39
C VAL A 294 -6.76 -20.56 6.55
N ASP A 295 -6.82 -21.73 7.19
CA ASP A 295 -6.68 -23.00 6.49
C ASP A 295 -7.50 -23.00 5.20
N SER A 296 -8.52 -22.16 5.13
CA SER A 296 -9.38 -22.07 3.97
C SER A 296 -10.47 -20.99 3.92
N LEU A 297 -11.01 -20.87 2.73
CA LEU A 297 -11.96 -19.88 2.36
C LEU A 297 -13.32 -20.23 2.77
N SER A 298 -14.27 -19.29 2.61
CA SER A 298 -15.68 -19.50 2.89
C SER A 298 -16.45 -19.42 1.63
N THR A 299 -17.73 -19.72 1.69
CA THR A 299 -18.53 -19.70 0.47
C THR A 299 -18.86 -18.28 0.05
N GLU A 300 -19.64 -18.15 -1.03
CA GLU A 300 -20.04 -16.85 -1.55
C GLU A 300 -20.90 -16.08 -0.56
N GLU A 301 -21.64 -16.81 0.28
CA GLU A 301 -22.50 -16.21 1.29
C GLU A 301 -21.71 -15.82 2.52
N GLY A 302 -21.04 -16.79 3.13
CA GLY A 302 -20.25 -16.54 4.32
C GLY A 302 -19.09 -15.60 4.07
N PRO A 303 -18.85 -14.70 5.02
CA PRO A 303 -17.76 -13.73 4.90
C PRO A 303 -16.42 -14.42 4.64
N VAL A 304 -15.70 -13.97 3.62
CA VAL A 304 -14.40 -14.54 3.29
C VAL A 304 -14.46 -15.34 1.99
N PRO A 305 -15.06 -14.74 0.97
CA PRO A 305 -15.20 -15.39 -0.34
C PRO A 305 -13.89 -15.35 -1.13
N THR A 306 -12.92 -14.59 -0.63
CA THR A 306 -11.62 -14.47 -1.28
C THR A 306 -10.52 -14.11 -0.29
N PHE A 307 -9.32 -14.16 -0.78
CA PHE A 307 -8.21 -13.98 0.07
C PHE A 307 -8.26 -12.62 0.69
N LEU A 308 -8.28 -11.62 -0.15
CA LEU A 308 -8.19 -10.29 0.37
C LEU A 308 -9.23 -10.11 1.39
N ASP A 309 -10.46 -10.33 1.06
CA ASP A 309 -11.39 -9.90 2.05
C ASP A 309 -11.27 -10.83 3.23
N LEU A 310 -10.43 -11.86 3.17
CA LEU A 310 -10.15 -12.59 4.36
C LEU A 310 -9.35 -11.72 5.28
N LEU A 311 -8.25 -11.23 4.78
CA LEU A 311 -7.42 -10.44 5.64
C LEU A 311 -8.22 -9.30 6.18
N GLU A 312 -8.85 -8.56 5.28
CA GLU A 312 -9.60 -7.35 5.61
C GLU A 312 -10.45 -7.72 6.78
N TYR A 313 -11.00 -8.89 6.72
CA TYR A 313 -12.00 -9.35 7.67
C TYR A 313 -11.46 -9.61 9.09
N ASP A 314 -10.64 -10.66 9.20
CA ASP A 314 -10.11 -11.12 10.49
C ASP A 314 -9.52 -10.01 11.33
N ALA A 315 -8.81 -9.09 10.68
CA ALA A 315 -8.21 -7.95 11.35
C ALA A 315 -9.28 -7.15 12.10
N ARG A 316 -10.40 -6.83 11.48
CA ARG A 316 -11.34 -6.05 12.24
C ARG A 316 -11.77 -6.88 13.36
N VAL A 317 -12.22 -8.06 13.06
CA VAL A 317 -12.85 -8.86 14.11
C VAL A 317 -11.88 -9.07 15.28
N ILE A 318 -10.61 -9.26 14.98
CA ILE A 318 -9.59 -9.32 16.02
C ILE A 318 -9.57 -8.00 16.79
N THR A 319 -9.75 -6.93 16.07
CA THR A 319 -9.72 -5.70 16.75
C THR A 319 -11.05 -5.46 17.41
N ASN A 320 -12.11 -5.95 16.77
CA ASN A 320 -13.46 -5.80 17.30
C ASN A 320 -13.65 -6.56 18.60
N GLY A 321 -12.72 -7.47 18.90
CA GLY A 321 -12.79 -8.26 20.11
C GLY A 321 -12.25 -7.53 21.32
N LEU A 322 -11.78 -6.30 21.10
CA LEU A 322 -11.23 -5.48 22.18
C LEU A 322 -12.27 -4.51 22.72
N LEU A 323 -12.42 -4.49 24.04
CA LEU A 323 -13.39 -3.61 24.68
C LEU A 323 -13.50 -2.25 24.05
N LYS B 55 -20.24 13.35 7.57
CA LYS B 55 -19.07 12.51 7.40
C LYS B 55 -18.50 12.66 6.03
N LYS B 56 -17.24 12.40 5.86
CA LYS B 56 -16.68 12.85 4.63
C LYS B 56 -15.57 12.01 4.11
N VAL B 57 -15.59 11.80 2.81
CA VAL B 57 -14.58 10.97 2.18
C VAL B 57 -13.93 11.68 0.99
N LEU B 58 -12.68 11.33 0.70
CA LEU B 58 -11.95 11.93 -0.40
C LEU B 58 -11.79 10.97 -1.57
N THR B 59 -11.77 11.52 -2.78
CA THR B 59 -11.39 10.74 -3.96
C THR B 59 -10.22 11.43 -4.63
N THR B 60 -9.62 10.76 -5.61
CA THR B 60 -8.44 11.32 -6.26
C THR B 60 -8.77 12.30 -7.37
N PHE B 61 -10.02 12.20 -7.84
CA PHE B 61 -10.48 13.08 -8.90
C PHE B 61 -11.95 13.10 -9.26
N THR B 62 -12.25 13.65 -10.40
CA THR B 62 -13.61 13.99 -10.70
C THR B 62 -14.45 12.80 -10.98
N VAL B 63 -14.06 12.07 -11.98
CA VAL B 63 -14.89 10.99 -12.52
C VAL B 63 -15.34 10.03 -11.42
N LEU B 64 -14.41 9.64 -10.55
CA LEU B 64 -14.74 8.83 -9.39
C LEU B 64 -15.70 9.59 -8.48
N ALA B 65 -15.48 10.89 -8.36
CA ALA B 65 -16.30 11.74 -7.51
C ALA B 65 -17.79 11.64 -7.85
N ASP B 66 -18.09 11.56 -9.15
CA ASP B 66 -19.47 11.45 -9.61
C ASP B 66 -20.04 10.07 -9.32
N MET B 67 -19.16 9.08 -9.24
CA MET B 67 -19.57 7.71 -8.97
C MET B 67 -19.88 7.51 -7.49
N VAL B 68 -18.94 7.90 -6.63
CA VAL B 68 -19.11 7.76 -5.19
C VAL B 68 -20.18 8.72 -4.67
N GLN B 69 -20.33 9.85 -5.34
CA GLN B 69 -21.31 10.85 -4.95
C GLN B 69 -22.74 10.30 -5.07
N ASN B 70 -22.96 9.44 -6.06
CA ASN B 70 -24.26 8.84 -6.27
C ASN B 70 -24.57 7.79 -5.21
N VAL B 71 -23.61 6.91 -4.97
CA VAL B 71 -23.76 5.88 -3.93
C VAL B 71 -23.98 6.49 -2.55
N ALA B 72 -23.25 7.57 -2.25
CA ALA B 72 -23.34 8.22 -0.96
C ALA B 72 -24.64 9.01 -0.81
N GLY B 73 -25.04 9.67 -1.89
CA GLY B 73 -26.27 10.46 -1.87
C GLY B 73 -26.15 11.69 -1.00
N ASP B 74 -26.99 11.78 0.01
CA ASP B 74 -26.99 12.94 0.90
C ASP B 74 -26.54 12.54 2.31
N LYS B 75 -25.90 11.40 2.45
CA LYS B 75 -25.45 11.08 3.77
C LYS B 75 -23.99 11.33 3.96
N LEU B 76 -23.27 11.51 2.89
CA LEU B 76 -21.92 11.89 3.10
C LEU B 76 -21.48 13.08 2.39
N VAL B 77 -20.21 13.34 2.55
CA VAL B 77 -19.68 14.52 1.98
C VAL B 77 -18.51 14.21 1.11
N VAL B 78 -18.73 14.17 -0.19
CA VAL B 78 -17.68 13.72 -1.04
C VAL B 78 -16.99 14.89 -1.63
N GLU B 79 -15.66 14.84 -1.65
CA GLU B 79 -14.85 15.90 -2.23
C GLU B 79 -13.61 15.31 -2.90
N SER B 80 -13.22 15.89 -4.02
CA SER B 80 -12.06 15.40 -4.78
C SER B 80 -10.82 16.25 -4.53
N ILE B 81 -9.67 15.75 -4.98
CA ILE B 81 -8.43 16.45 -4.82
C ILE B 81 -8.20 17.34 -5.98
N THR B 82 -8.53 16.86 -7.16
CA THR B 82 -8.40 17.70 -8.32
C THR B 82 -9.67 18.44 -8.51
N ARG B 83 -9.68 19.30 -9.51
CA ARG B 83 -10.87 20.05 -9.84
C ARG B 83 -11.07 20.12 -11.35
N ILE B 84 -12.10 19.44 -11.84
CA ILE B 84 -12.46 19.61 -13.21
C ILE B 84 -11.28 19.26 -14.06
N GLY B 85 -10.99 20.06 -15.05
CA GLY B 85 -9.95 19.67 -16.00
C GLY B 85 -8.53 19.81 -15.46
N ALA B 86 -8.02 18.73 -14.87
CA ALA B 86 -6.68 18.73 -14.31
C ALA B 86 -5.99 17.39 -14.50
N GLU B 87 -5.00 17.35 -15.38
CA GLU B 87 -4.25 16.13 -15.64
C GLU B 87 -3.76 15.51 -14.34
N ILE B 88 -4.32 14.36 -13.98
CA ILE B 88 -3.95 13.66 -12.77
C ILE B 88 -2.57 13.01 -12.92
N HIS B 89 -2.40 12.25 -13.99
CA HIS B 89 -1.13 11.58 -14.26
C HIS B 89 0.05 12.53 -14.07
N GLY B 90 0.73 12.39 -12.93
CA GLY B 90 1.86 13.24 -12.61
C GLY B 90 1.45 14.53 -11.95
N TYR B 91 0.24 14.53 -11.39
CA TYR B 91 -0.29 15.71 -10.71
C TYR B 91 0.68 16.14 -9.61
N GLU B 92 0.39 17.24 -8.96
CA GLU B 92 1.31 17.69 -7.95
C GLU B 92 0.63 18.27 -6.76
N PRO B 93 0.56 17.46 -5.76
CA PRO B 93 -0.22 17.68 -4.54
C PRO B 93 0.20 18.93 -3.75
N THR B 94 -0.67 19.93 -3.73
CA THR B 94 -0.40 21.15 -2.97
C THR B 94 -0.47 20.87 -1.48
N PRO B 95 0.07 21.77 -0.66
CA PRO B 95 0.02 21.61 0.79
C PRO B 95 -1.43 21.49 1.27
N SER B 96 -2.36 21.94 0.44
CA SER B 96 -3.78 21.88 0.72
C SER B 96 -4.32 20.47 0.52
N ASP B 97 -3.89 19.82 -0.55
CA ASP B 97 -4.33 18.46 -0.85
C ASP B 97 -3.60 17.43 0.00
N ILE B 98 -3.18 17.85 1.18
CA ILE B 98 -2.46 16.97 2.09
C ILE B 98 -2.98 17.13 3.46
N VAL B 99 -3.71 18.19 3.62
CA VAL B 99 -4.40 18.48 4.87
C VAL B 99 -5.81 17.91 4.81
N LYS B 100 -6.39 17.91 3.60
CA LYS B 100 -7.71 17.33 3.38
C LYS B 100 -7.76 15.86 3.80
N ALA B 101 -6.77 15.10 3.36
CA ALA B 101 -6.70 13.67 3.63
C ALA B 101 -6.48 13.39 5.11
N GLN B 102 -5.99 14.39 5.82
CA GLN B 102 -5.70 14.24 7.24
C GLN B 102 -6.98 14.29 8.08
N ASP B 103 -8.05 14.83 7.51
CA ASP B 103 -9.29 14.97 8.27
C ASP B 103 -10.48 14.20 7.69
N ALA B 104 -10.23 13.35 6.71
CA ALA B 104 -11.29 12.52 6.13
C ALA B 104 -11.37 11.17 6.84
N ASP B 105 -12.29 10.37 6.33
CA ASP B 105 -12.61 9.07 6.86
C ASP B 105 -12.87 8.08 5.77
N LEU B 106 -12.13 8.25 4.67
CA LEU B 106 -12.00 7.31 3.56
C LEU B 106 -11.09 7.96 2.61
N ILE B 107 -10.63 7.25 1.60
CA ILE B 107 -9.73 7.85 0.73
C ILE B 107 -9.72 6.88 -0.38
N LEU B 108 -10.68 7.06 -1.24
CA LEU B 108 -10.89 6.17 -2.39
C LEU B 108 -9.98 6.52 -3.55
N TYR B 109 -9.54 5.50 -4.28
CA TYR B 109 -8.68 5.73 -5.40
C TYR B 109 -8.42 4.59 -6.35
N ASN B 110 -8.46 4.88 -7.64
CA ASN B 110 -8.48 3.90 -8.71
C ASN B 110 -7.47 2.80 -8.44
N GLY B 111 -6.22 3.18 -8.27
CA GLY B 111 -5.17 2.25 -7.89
C GLY B 111 -4.86 1.21 -8.93
N MET B 112 -4.62 1.66 -10.16
CA MET B 112 -4.18 0.78 -11.23
C MET B 112 -2.99 1.43 -11.89
N ASN B 113 -2.41 2.21 -11.00
CA ASN B 113 -1.26 3.00 -11.15
C ASN B 113 -1.52 4.33 -11.72
N LEU B 114 -2.74 4.66 -12.06
CA LEU B 114 -2.91 5.97 -12.60
C LEU B 114 -2.37 6.87 -11.56
N GLU B 115 -2.69 6.53 -10.34
CA GLU B 115 -2.30 7.39 -9.26
C GLU B 115 -0.77 7.45 -9.13
N ALA B 116 -0.14 8.13 -10.06
CA ALA B 116 1.32 8.18 -10.12
C ALA B 116 1.93 9.05 -9.02
N TRP B 117 1.07 9.71 -8.25
CA TRP B 117 1.52 10.62 -7.20
C TRP B 117 0.96 10.21 -5.84
N PHE B 118 0.11 9.21 -5.86
CA PHE B 118 -0.60 8.84 -4.70
C PHE B 118 0.19 8.00 -3.80
N GLU B 119 1.25 7.37 -4.33
CA GLU B 119 2.11 6.52 -3.53
C GLU B 119 2.74 7.29 -2.37
N GLN B 120 3.66 8.22 -2.71
CA GLN B 120 4.33 9.03 -1.72
C GLN B 120 3.36 10.01 -1.05
N PHE B 121 2.08 9.88 -1.41
CA PHE B 121 1.05 10.76 -0.86
C PHE B 121 0.26 10.04 0.23
N LEU B 122 0.22 8.72 0.17
CA LEU B 122 -0.49 7.94 1.13
C LEU B 122 0.38 6.86 1.70
N GLY B 123 1.19 7.20 2.68
CA GLY B 123 1.63 8.58 2.84
C GLY B 123 1.72 9.12 4.26
N ASN B 124 2.04 10.39 4.32
CA ASN B 124 2.11 11.11 5.56
C ASN B 124 0.73 11.43 6.00
N VAL B 125 -0.08 10.40 6.07
CA VAL B 125 -1.46 10.42 6.53
C VAL B 125 -1.82 9.38 7.55
N LYS B 126 -2.07 9.78 8.76
CA LYS B 126 -2.32 8.68 9.65
C LYS B 126 -3.75 8.74 10.09
N ASP B 127 -4.27 7.56 10.38
CA ASP B 127 -5.69 7.36 10.69
C ASP B 127 -6.53 7.79 9.50
N VAL B 128 -6.44 6.99 8.45
CA VAL B 128 -7.33 7.12 7.35
C VAL B 128 -7.28 5.84 6.59
N PRO B 129 -8.44 5.24 6.35
CA PRO B 129 -8.51 4.00 5.65
C PRO B 129 -8.49 4.29 4.20
N SER B 130 -7.61 3.53 3.54
CA SER B 130 -7.68 3.64 2.12
C SER B 130 -8.64 2.59 1.64
N VAL B 131 -9.01 2.66 0.30
CA VAL B 131 -9.66 1.57 -0.40
C VAL B 131 -9.43 1.72 -1.90
N VAL B 132 -9.13 0.61 -2.56
CA VAL B 132 -9.03 0.62 -3.99
C VAL B 132 -10.29 0.14 -4.58
N LEU B 133 -10.77 0.85 -5.56
CA LEU B 133 -12.08 0.56 -6.10
C LEU B 133 -11.99 -0.51 -7.18
N THR B 134 -10.77 -0.75 -7.65
CA THR B 134 -10.56 -1.57 -8.84
C THR B 134 -10.51 -3.08 -8.57
N GLU B 135 -10.12 -3.47 -7.36
CA GLU B 135 -9.94 -4.88 -7.01
C GLU B 135 -11.10 -5.77 -7.42
N GLY B 136 -10.82 -6.74 -8.29
CA GLY B 136 -11.84 -7.60 -8.85
C GLY B 136 -11.91 -7.42 -10.36
N ILE B 137 -11.11 -6.51 -10.84
CA ILE B 137 -11.17 -6.19 -12.22
C ILE B 137 -9.91 -6.56 -12.92
N GLU B 138 -10.05 -7.17 -14.04
CA GLU B 138 -8.94 -7.71 -14.71
C GLU B 138 -8.21 -6.60 -15.41
N PRO B 139 -6.89 -6.57 -15.26
CA PRO B 139 -6.03 -5.55 -15.85
C PRO B 139 -5.76 -5.80 -17.32
N ILE B 140 -5.69 -4.76 -18.13
CA ILE B 140 -5.29 -4.88 -19.52
C ILE B 140 -3.94 -4.29 -19.69
N PRO B 141 -3.10 -4.96 -20.42
CA PRO B 141 -1.77 -4.48 -20.61
C PRO B 141 -1.81 -3.37 -21.59
N ILE B 142 -0.66 -2.73 -21.83
CA ILE B 142 -0.55 -1.79 -22.91
C ILE B 142 0.67 -1.97 -23.75
N ALA B 143 1.06 -0.91 -24.42
CA ALA B 143 2.30 -1.02 -25.19
C ALA B 143 3.51 -0.57 -24.38
N ASP B 149 4.65 0.15 -20.60
CA ASP B 149 4.33 -1.26 -20.79
C ASP B 149 3.72 -1.85 -19.51
N LYS B 150 3.39 -0.97 -18.57
CA LYS B 150 2.73 -1.39 -17.34
C LYS B 150 1.25 -1.67 -17.59
N PRO B 151 0.48 -1.76 -16.52
CA PRO B 151 -0.96 -2.01 -16.65
C PRO B 151 -1.73 -0.73 -16.94
N ASN B 152 -2.80 -0.84 -17.73
CA ASN B 152 -3.60 0.34 -18.09
C ASN B 152 -4.65 0.67 -17.04
N PRO B 153 -4.61 1.90 -16.51
CA PRO B 153 -5.46 2.32 -15.40
C PRO B 153 -6.72 3.08 -15.80
N HIS B 154 -7.50 2.55 -16.73
CA HIS B 154 -8.74 3.21 -17.12
C HIS B 154 -9.90 2.20 -17.20
N ALA B 155 -10.15 1.54 -16.08
CA ALA B 155 -11.13 0.47 -16.04
C ALA B 155 -12.58 0.99 -16.03
N TRP B 156 -12.76 2.24 -15.78
CA TRP B 156 -14.10 2.63 -15.59
C TRP B 156 -14.75 2.92 -16.87
N MET B 157 -13.96 3.02 -17.92
CA MET B 157 -14.46 3.33 -19.25
C MET B 157 -15.25 2.16 -19.85
N SER B 158 -15.60 1.20 -18.99
CA SER B 158 -16.41 0.07 -19.40
C SER B 158 -17.46 -0.23 -18.35
N PRO B 159 -18.74 -0.19 -18.75
CA PRO B 159 -19.87 -0.47 -17.87
C PRO B 159 -19.73 -1.80 -17.14
N ARG B 160 -19.06 -2.75 -17.75
CA ARG B 160 -18.84 -3.97 -17.06
C ARG B 160 -18.22 -3.66 -15.74
N ASN B 161 -17.18 -2.89 -15.74
CA ASN B 161 -16.46 -2.77 -14.54
C ASN B 161 -17.10 -1.74 -13.70
N ALA B 162 -17.78 -0.85 -14.36
CA ALA B 162 -18.35 0.32 -13.71
C ALA B 162 -19.13 -0.08 -12.46
N LEU B 163 -19.84 -1.19 -12.53
CA LEU B 163 -20.59 -1.67 -11.37
C LEU B 163 -19.66 -2.32 -10.36
N VAL B 164 -18.55 -2.87 -10.84
CA VAL B 164 -17.54 -3.45 -9.98
C VAL B 164 -16.90 -2.36 -9.15
N TYR B 165 -16.77 -1.17 -9.74
CA TYR B 165 -16.38 0.02 -9.00
C TYR B 165 -17.45 0.33 -7.97
N VAL B 166 -18.68 0.50 -8.44
CA VAL B 166 -19.81 0.80 -7.56
C VAL B 166 -19.89 -0.21 -6.42
N GLU B 167 -19.72 -1.48 -6.75
CA GLU B 167 -19.78 -2.55 -5.76
C GLU B 167 -18.79 -2.30 -4.62
N ASN B 168 -17.51 -2.21 -4.96
CA ASN B 168 -16.46 -1.97 -3.97
C ASN B 168 -16.68 -0.65 -3.23
N ILE B 169 -17.43 0.25 -3.84
CA ILE B 169 -17.71 1.55 -3.24
C ILE B 169 -18.71 1.42 -2.10
N ARG B 170 -19.75 0.64 -2.31
CA ARG B 170 -20.78 0.43 -1.29
C ARG B 170 -20.24 -0.38 -0.12
N GLN B 171 -19.23 -1.15 -0.35
CA GLN B 171 -18.73 -1.80 0.79
C GLN B 171 -18.12 -0.70 1.60
N ALA B 172 -17.02 -0.12 1.12
CA ALA B 172 -16.25 0.83 1.93
C ALA B 172 -17.16 1.79 2.70
N PHE B 173 -18.40 1.90 2.31
CA PHE B 173 -19.23 2.69 3.13
C PHE B 173 -19.73 1.81 4.21
N VAL B 174 -20.47 0.76 3.89
CA VAL B 174 -21.05 -0.04 4.96
C VAL B 174 -20.05 -0.48 5.98
N GLU B 175 -18.82 -0.34 5.64
CA GLU B 175 -17.79 -0.78 6.57
C GLU B 175 -17.39 0.40 7.44
N LEU B 176 -17.42 1.57 6.88
CA LEU B 176 -17.27 2.64 7.74
C LEU B 176 -18.52 2.98 8.47
N ASP B 177 -19.54 3.29 7.67
CA ASP B 177 -20.75 3.81 8.24
C ASP B 177 -21.70 2.73 8.04
N PRO B 178 -21.82 1.88 9.03
CA PRO B 178 -22.94 1.00 8.78
C PRO B 178 -23.95 1.21 9.89
N ASP B 179 -24.07 2.46 10.25
CA ASP B 179 -25.02 2.80 11.23
C ASP B 179 -26.31 2.50 10.54
N ASN B 180 -26.57 3.24 9.47
CA ASN B 180 -27.89 3.25 8.87
C ASN B 180 -28.60 1.93 8.49
N ALA B 181 -27.90 0.81 8.29
CA ALA B 181 -26.52 0.77 7.81
C ALA B 181 -26.53 1.10 6.33
N LYS B 182 -27.63 0.73 5.69
CA LYS B 182 -27.93 1.05 4.32
C LYS B 182 -29.26 1.78 4.44
N TYR B 183 -29.74 2.40 3.36
CA TYR B 183 -29.02 2.38 2.08
C TYR B 183 -28.88 3.78 1.52
N TYR B 184 -27.86 3.97 0.68
CA TYR B 184 -26.77 2.99 0.51
C TYR B 184 -26.79 1.98 -0.67
N ASN B 185 -27.60 0.93 -0.51
CA ASN B 185 -27.52 -0.36 -1.15
C ASN B 185 -28.54 -0.22 -2.25
N ALA B 186 -29.52 0.63 -1.95
CA ALA B 186 -30.45 1.17 -2.94
C ALA B 186 -29.83 2.03 -4.02
N ASN B 187 -29.18 3.11 -3.60
CA ASN B 187 -28.54 4.04 -4.54
C ASN B 187 -27.60 3.23 -5.41
N ALA B 188 -26.88 2.31 -4.78
CA ALA B 188 -26.00 1.42 -5.50
C ALA B 188 -26.79 0.52 -6.44
N ALA B 189 -27.92 0.00 -5.95
CA ALA B 189 -28.79 -0.83 -6.76
C ALA B 189 -29.35 -0.05 -7.94
N VAL B 190 -29.77 1.15 -7.68
CA VAL B 190 -30.35 1.87 -8.74
C VAL B 190 -29.32 2.09 -9.71
N TYR B 191 -28.28 2.76 -9.28
CA TYR B 191 -27.30 3.15 -10.24
C TYR B 191 -27.02 1.93 -11.03
N SER B 192 -26.62 0.88 -10.36
CA SER B 192 -26.18 -0.32 -11.07
C SER B 192 -27.21 -0.74 -12.12
N GLU B 193 -28.44 -0.30 -11.94
CA GLU B 193 -29.44 -0.56 -12.93
C GLU B 193 -29.09 0.27 -14.12
N GLN B 194 -28.82 1.52 -13.84
CA GLN B 194 -28.63 2.51 -14.90
C GLN B 194 -27.38 2.20 -15.72
N LEU B 195 -26.47 1.48 -15.15
CA LEU B 195 -25.33 1.32 -15.96
C LEU B 195 -25.60 0.24 -16.99
N LYS B 196 -26.47 -0.71 -16.72
CA LYS B 196 -26.84 -1.60 -17.81
C LYS B 196 -27.71 -0.82 -18.73
N ALA B 197 -28.61 -0.03 -18.16
CA ALA B 197 -29.48 0.75 -19.01
C ALA B 197 -28.70 1.78 -19.83
N ILE B 198 -27.38 1.76 -19.69
CA ILE B 198 -26.51 2.63 -20.48
C ILE B 198 -25.60 1.78 -21.36
N ASP B 199 -25.28 0.57 -20.98
CA ASP B 199 -24.51 -0.12 -21.96
C ASP B 199 -25.42 -0.41 -23.08
N ARG B 200 -26.54 -1.05 -22.75
CA ARG B 200 -27.40 -1.49 -23.85
C ARG B 200 -27.47 -0.40 -24.93
N GLN B 201 -27.37 0.84 -24.51
CA GLN B 201 -27.28 1.89 -25.46
C GLN B 201 -26.00 1.65 -26.15
N LEU B 202 -24.93 1.90 -25.45
CA LEU B 202 -23.67 1.98 -26.07
C LEU B 202 -23.56 0.97 -27.15
N GLY B 203 -23.53 -0.26 -26.73
CA GLY B 203 -23.37 -1.36 -27.66
C GLY B 203 -24.28 -1.29 -28.86
N ALA B 204 -25.49 -0.78 -28.66
CA ALA B 204 -26.43 -0.60 -29.76
C ALA B 204 -25.95 0.47 -30.73
N ASP B 205 -25.72 1.67 -30.21
CA ASP B 205 -25.27 2.79 -31.04
C ASP B 205 -23.89 2.54 -31.63
N LEU B 206 -23.01 1.85 -30.97
CA LEU B 206 -21.69 1.82 -31.59
C LEU B 206 -21.70 0.93 -32.80
N GLU B 207 -22.58 -0.07 -32.79
CA GLU B 207 -22.68 -1.02 -33.90
C GLU B 207 -23.25 -0.34 -35.14
N GLN B 208 -22.51 0.62 -35.70
CA GLN B 208 -22.90 1.31 -36.93
C GLN B 208 -21.78 1.15 -37.94
N VAL B 209 -20.56 1.13 -37.41
CA VAL B 209 -19.40 0.94 -38.21
C VAL B 209 -19.47 -0.45 -38.82
N PRO B 210 -19.18 -0.55 -40.10
CA PRO B 210 -19.13 -1.97 -40.41
C PRO B 210 -17.99 -2.58 -39.63
N ALA B 211 -18.12 -3.87 -39.45
CA ALA B 211 -17.29 -4.73 -38.62
C ALA B 211 -15.82 -4.35 -38.80
N ASN B 212 -15.53 -3.57 -39.83
CA ASN B 212 -14.16 -3.17 -40.12
C ASN B 212 -13.98 -1.65 -40.12
N GLN B 213 -14.95 -0.94 -39.55
CA GLN B 213 -14.90 0.51 -39.46
C GLN B 213 -14.88 0.97 -38.01
N ARG B 214 -14.39 0.12 -37.13
CA ARG B 214 -14.32 0.45 -35.71
C ARG B 214 -12.91 0.84 -35.31
N PHE B 215 -12.50 2.04 -35.72
CA PHE B 215 -11.12 2.48 -35.52
C PHE B 215 -11.06 3.81 -34.75
N LEU B 216 -11.34 3.76 -33.45
CA LEU B 216 -11.27 4.97 -32.63
C LEU B 216 -9.82 5.36 -32.43
N VAL B 217 -9.55 6.65 -32.56
CA VAL B 217 -8.21 7.11 -32.36
C VAL B 217 -8.12 8.14 -31.27
N SER B 218 -7.37 7.76 -30.25
CA SER B 218 -7.23 8.61 -29.07
C SER B 218 -5.76 9.02 -28.91
N CYS B 219 -5.42 9.49 -27.71
CA CYS B 219 -4.04 9.89 -27.40
C CYS B 219 -3.55 9.20 -26.16
N GLU B 220 -4.27 9.35 -25.08
CA GLU B 220 -3.90 8.61 -23.87
C GLU B 220 -4.18 7.11 -23.86
N GLY B 221 -4.87 6.63 -24.89
CA GLY B 221 -5.20 5.22 -25.00
C GLY B 221 -5.63 4.38 -23.82
N ALA B 222 -6.74 4.78 -23.20
CA ALA B 222 -7.29 4.04 -22.06
C ALA B 222 -8.62 3.38 -22.44
N PHE B 223 -9.22 3.89 -23.51
CA PHE B 223 -10.48 3.34 -24.00
C PHE B 223 -10.39 1.84 -24.26
N SER B 224 -9.17 1.32 -24.24
CA SER B 224 -8.95 -0.11 -24.46
C SER B 224 -9.98 -0.88 -23.64
N TYR B 225 -10.43 -0.26 -22.55
CA TYR B 225 -11.44 -0.87 -21.69
C TYR B 225 -12.82 -0.76 -22.33
N LEU B 226 -13.00 0.28 -23.16
CA LEU B 226 -14.24 0.49 -23.84
C LEU B 226 -14.20 -0.27 -25.13
N ALA B 227 -13.12 -0.04 -25.83
CA ALA B 227 -12.95 -0.67 -27.13
C ALA B 227 -13.06 -2.19 -27.10
N ARG B 228 -12.71 -2.83 -26.00
CA ARG B 228 -12.75 -4.27 -26.07
C ARG B 228 -14.17 -4.65 -26.12
N ASP B 229 -14.87 -4.28 -25.06
CA ASP B 229 -16.22 -4.80 -24.87
C ASP B 229 -17.08 -4.57 -26.10
N TYR B 230 -16.54 -3.84 -27.07
CA TYR B 230 -17.33 -3.39 -28.21
C TYR B 230 -16.69 -3.73 -29.54
N GLY B 231 -15.47 -4.28 -29.50
CA GLY B 231 -14.79 -4.71 -30.71
C GLY B 231 -14.21 -3.59 -31.54
N MET B 232 -13.91 -2.47 -30.89
CA MET B 232 -13.32 -1.33 -31.59
C MET B 232 -11.81 -1.42 -31.62
N GLU B 233 -11.23 -1.29 -32.81
CA GLU B 233 -9.78 -1.27 -32.95
C GLU B 233 -9.24 0.05 -32.39
N GLU B 234 -8.31 -0.05 -31.45
CA GLU B 234 -7.73 1.12 -30.83
C GLU B 234 -6.48 1.64 -31.54
N ILE B 235 -6.39 2.92 -31.61
CA ILE B 235 -5.19 3.48 -32.11
C ILE B 235 -4.96 4.60 -31.19
N TYR B 236 -3.72 5.00 -31.06
CA TYR B 236 -3.38 6.09 -30.15
C TYR B 236 -1.93 6.53 -30.31
N MET B 237 -1.60 7.65 -29.70
CA MET B 237 -0.25 8.13 -29.76
C MET B 237 0.56 7.49 -28.70
N TRP B 238 0.24 7.79 -27.47
CA TRP B 238 0.96 7.18 -26.36
C TRP B 238 0.05 6.35 -25.45
N PRO B 239 0.51 5.23 -25.03
CA PRO B 239 -0.36 4.43 -24.21
C PRO B 239 -0.80 5.15 -22.94
N ILE B 240 0.05 5.99 -22.38
CA ILE B 240 -0.27 6.65 -21.11
C ILE B 240 0.47 7.97 -21.03
N ASN B 241 -0.20 8.97 -20.46
CA ASN B 241 0.37 10.31 -20.35
C ASN B 241 1.66 10.09 -19.57
N ALA B 242 2.79 10.09 -20.29
CA ALA B 242 4.09 9.94 -19.67
C ALA B 242 4.50 11.39 -19.46
N GLU B 243 5.59 11.59 -18.71
CA GLU B 243 6.09 12.92 -18.43
C GLU B 243 7.03 13.37 -19.55
N GLN B 244 6.82 12.82 -20.75
CA GLN B 244 7.65 13.16 -21.90
C GLN B 244 6.97 14.07 -22.92
N GLN B 245 6.10 13.47 -23.74
CA GLN B 245 5.39 14.23 -24.76
C GLN B 245 6.26 14.87 -25.83
N VAL B 254 10.12 12.51 -33.39
CA VAL B 254 8.84 12.63 -34.09
C VAL B 254 8.45 11.34 -34.78
N ILE B 255 7.46 10.69 -34.19
CA ILE B 255 6.97 9.43 -34.69
C ILE B 255 5.51 9.42 -34.61
N GLU B 256 4.90 10.27 -35.43
CA GLU B 256 3.44 10.38 -35.47
C GLU B 256 2.89 9.81 -36.79
N GLU B 257 2.75 8.50 -36.84
CA GLU B 257 2.23 7.82 -38.03
C GLU B 257 0.73 8.03 -38.18
N VAL B 258 0.14 7.40 -39.19
CA VAL B 258 -1.27 7.55 -39.45
C VAL B 258 -1.92 6.22 -39.88
N LYS B 259 -3.20 6.28 -40.21
CA LYS B 259 -3.93 5.09 -40.63
C LYS B 259 -5.43 5.38 -40.70
N THR B 260 -6.22 4.32 -40.93
CA THR B 260 -5.68 2.99 -41.11
C THR B 260 -6.60 2.14 -41.97
N ASN B 261 -7.62 2.77 -42.54
CA ASN B 261 -8.58 2.07 -43.39
C ASN B 261 -9.82 2.92 -43.67
N ASN B 262 -9.72 4.21 -43.38
CA ASN B 262 -10.83 5.13 -43.60
C ASN B 262 -11.15 5.98 -42.36
N VAL B 263 -10.09 6.41 -41.67
CA VAL B 263 -10.24 7.22 -40.48
C VAL B 263 -10.66 8.64 -40.84
N PRO B 264 -11.96 8.91 -40.76
CA PRO B 264 -12.50 10.23 -41.08
C PRO B 264 -12.36 11.21 -39.91
N THR B 265 -12.28 10.68 -38.70
CA THR B 265 -12.15 11.52 -37.51
C THR B 265 -11.04 11.04 -36.59
N ILE B 266 -10.42 11.97 -35.91
CA ILE B 266 -9.72 11.55 -34.77
C ILE B 266 -10.36 12.37 -33.74
N PHE B 267 -9.77 12.32 -32.55
CA PHE B 267 -10.25 13.04 -31.39
C PHE B 267 -9.14 13.06 -30.43
N CYS B 268 -9.13 14.07 -29.57
CA CYS B 268 -8.10 14.20 -28.55
C CYS B 268 -8.67 13.74 -27.22
N GLU B 269 -8.50 14.55 -26.18
CA GLU B 269 -9.01 14.22 -24.85
C GLU B 269 -9.21 15.49 -24.02
N SER B 270 -9.62 15.30 -22.77
CA SER B 270 -9.86 16.39 -21.90
C SER B 270 -8.59 17.15 -21.47
N THR B 271 -7.64 16.58 -20.74
CA THR B 271 -6.77 17.62 -20.18
C THR B 271 -5.47 17.63 -20.90
N VAL B 272 -5.49 16.96 -22.02
CA VAL B 272 -4.35 16.86 -22.85
C VAL B 272 -4.13 18.07 -23.70
N SER B 273 -2.89 18.25 -24.12
CA SER B 273 -2.69 19.19 -25.22
C SER B 273 -2.98 18.53 -26.56
N ASP B 274 -3.60 19.31 -27.39
CA ASP B 274 -4.31 18.77 -28.47
C ASP B 274 -3.52 19.03 -29.74
N LYS B 275 -2.30 19.50 -29.57
CA LYS B 275 -1.51 19.82 -30.74
C LYS B 275 -1.15 18.53 -31.38
N GLY B 276 -0.50 17.66 -30.63
CA GLY B 276 -0.09 16.36 -31.13
C GLY B 276 -1.14 15.74 -32.04
N GLN B 277 -2.41 15.96 -31.70
CA GLN B 277 -3.52 15.42 -32.49
C GLN B 277 -3.65 16.16 -33.82
N LYS B 278 -3.89 17.47 -33.74
CA LYS B 278 -4.05 18.29 -34.93
C LYS B 278 -3.04 17.89 -36.01
N GLN B 279 -1.78 17.77 -35.61
CA GLN B 279 -0.72 17.39 -36.55
C GLN B 279 -1.18 16.28 -37.47
N VAL B 280 -1.55 15.15 -36.89
CA VAL B 280 -2.03 14.00 -37.66
C VAL B 280 -3.20 14.37 -38.54
N ALA B 281 -4.05 15.27 -38.04
CA ALA B 281 -5.22 15.72 -38.79
C ALA B 281 -4.86 16.50 -40.05
N GLN B 282 -3.69 17.14 -40.01
CA GLN B 282 -3.24 17.93 -41.15
C GLN B 282 -2.91 17.03 -42.34
N ALA B 283 -2.69 15.75 -42.07
CA ALA B 283 -2.47 14.77 -43.11
C ALA B 283 -3.57 13.72 -43.11
N THR B 284 -3.56 12.85 -44.11
CA THR B 284 -4.48 11.73 -44.16
C THR B 284 -5.96 12.10 -44.22
N GLY B 285 -6.23 13.38 -44.38
CA GLY B 285 -7.58 13.87 -44.52
C GLY B 285 -8.58 13.53 -43.44
N ALA B 286 -8.08 13.34 -42.22
CA ALA B 286 -8.95 13.06 -41.08
C ALA B 286 -9.21 14.33 -40.29
N ARG B 287 -10.49 14.68 -40.15
CA ARG B 287 -10.89 15.89 -39.41
C ARG B 287 -10.66 15.70 -37.92
N PHE B 288 -10.49 16.79 -37.20
CA PHE B 288 -10.30 16.66 -35.79
C PHE B 288 -11.61 16.85 -35.10
N GLY B 289 -12.16 15.79 -34.60
CA GLY B 289 -13.40 15.79 -33.85
C GLY B 289 -13.20 16.42 -32.49
N GLY B 290 -14.30 16.75 -31.84
CA GLY B 290 -14.26 17.32 -30.50
C GLY B 290 -13.55 16.40 -29.52
N ASN B 291 -13.08 16.97 -28.41
CA ASN B 291 -12.39 16.20 -27.38
C ASN B 291 -13.26 15.08 -26.79
N LEU B 292 -12.61 14.02 -26.32
CA LEU B 292 -13.32 12.98 -25.60
C LEU B 292 -13.06 13.17 -24.12
N TYR B 293 -13.71 12.35 -23.33
CA TYR B 293 -13.55 12.58 -21.96
C TYR B 293 -13.51 11.54 -20.91
N VAL B 294 -12.29 11.21 -20.50
CA VAL B 294 -12.12 10.17 -19.50
C VAL B 294 -11.36 10.47 -18.19
N ASP B 295 -10.21 11.11 -18.33
CA ASP B 295 -9.39 11.42 -17.18
C ASP B 295 -10.11 12.49 -16.33
N SER B 296 -11.23 13.05 -16.82
CA SER B 296 -12.06 13.87 -15.95
C SER B 296 -13.38 14.34 -16.48
N LEU B 297 -13.99 15.24 -15.71
CA LEU B 297 -15.36 15.64 -15.86
C LEU B 297 -15.51 17.04 -16.33
N SER B 298 -16.66 17.42 -16.89
CA SER B 298 -16.69 18.79 -17.34
C SER B 298 -17.29 19.69 -16.31
N THR B 299 -17.62 20.92 -16.69
CA THR B 299 -18.27 21.85 -15.79
C THR B 299 -19.78 21.61 -15.78
N GLU B 300 -20.50 22.45 -15.05
CA GLU B 300 -21.96 22.33 -14.95
C GLU B 300 -22.61 22.55 -16.32
N GLU B 301 -21.94 23.30 -17.17
CA GLU B 301 -22.45 23.59 -18.52
C GLU B 301 -21.63 22.88 -19.59
N GLY B 302 -20.70 22.03 -19.18
CA GLY B 302 -19.92 21.26 -20.12
C GLY B 302 -20.73 20.11 -20.71
N PRO B 303 -20.24 19.55 -21.77
CA PRO B 303 -20.96 18.48 -22.41
C PRO B 303 -21.23 17.34 -21.45
N VAL B 304 -20.31 17.14 -20.53
CA VAL B 304 -20.39 16.03 -19.63
C VAL B 304 -20.08 16.46 -18.23
N PRO B 305 -21.12 16.69 -17.48
CA PRO B 305 -20.93 17.06 -16.08
C PRO B 305 -21.18 15.91 -15.10
N THR B 306 -21.67 14.78 -15.61
CA THR B 306 -21.87 13.59 -14.79
C THR B 306 -21.29 12.34 -15.47
N PHE B 307 -21.06 11.29 -14.69
CA PHE B 307 -20.42 10.08 -15.21
C PHE B 307 -21.22 9.36 -16.29
N LEU B 308 -22.49 9.09 -16.02
CA LEU B 308 -23.52 8.56 -16.90
C LEU B 308 -23.72 9.25 -18.24
N ASP B 309 -23.33 10.49 -18.38
CA ASP B 309 -23.26 11.10 -19.65
C ASP B 309 -21.92 10.74 -20.22
N LEU B 310 -20.85 10.83 -19.45
CA LEU B 310 -19.54 10.63 -20.09
C LEU B 310 -19.66 9.51 -21.02
N LEU B 311 -20.22 8.47 -20.48
CA LEU B 311 -20.27 7.24 -21.25
C LEU B 311 -21.28 7.37 -22.39
N GLU B 312 -22.34 8.15 -22.15
CA GLU B 312 -23.38 8.36 -23.14
C GLU B 312 -22.90 9.21 -24.30
N TYR B 313 -22.24 10.32 -23.99
CA TYR B 313 -21.79 11.25 -25.02
C TYR B 313 -20.61 10.72 -25.83
N ASP B 314 -19.61 10.24 -25.12
CA ASP B 314 -18.43 9.78 -25.78
C ASP B 314 -18.79 8.73 -26.80
N ALA B 315 -19.64 7.80 -26.41
CA ALA B 315 -20.04 6.73 -27.29
C ALA B 315 -20.73 7.28 -28.54
N ARG B 316 -21.54 8.33 -28.34
CA ARG B 316 -22.32 8.89 -29.44
C ARG B 316 -21.53 9.82 -30.34
N VAL B 317 -20.46 10.34 -29.78
CA VAL B 317 -19.74 11.33 -30.48
C VAL B 317 -18.80 10.67 -31.47
N ILE B 318 -18.52 9.40 -31.29
CA ILE B 318 -17.69 8.74 -32.22
C ILE B 318 -18.51 8.13 -33.26
N THR B 319 -19.59 7.51 -32.82
CA THR B 319 -20.41 6.72 -33.73
C THR B 319 -20.56 7.45 -35.05
N ASN B 320 -21.02 8.70 -34.99
CA ASN B 320 -21.16 9.50 -36.19
C ASN B 320 -19.84 10.08 -36.67
N GLY B 321 -18.83 9.99 -35.79
CA GLY B 321 -17.49 10.42 -36.15
C GLY B 321 -16.89 9.54 -37.24
N LEU B 322 -17.19 8.26 -37.08
CA LEU B 322 -16.75 7.20 -37.97
C LEU B 322 -17.91 6.84 -38.86
N LEU B 323 -18.69 7.84 -39.13
CA LEU B 323 -19.68 7.86 -40.19
C LEU B 323 -19.55 9.10 -41.07
N LYS C 55 6.52 18.31 30.70
CA LYS C 55 5.92 17.02 30.33
C LYS C 55 5.54 17.00 28.85
N LYS C 56 6.35 17.66 28.03
CA LYS C 56 6.10 17.72 26.60
C LYS C 56 7.40 17.63 25.81
N VAL C 57 8.08 18.77 25.67
CA VAL C 57 9.34 18.82 24.93
C VAL C 57 9.12 18.56 23.43
N LEU C 58 8.46 19.56 22.83
CA LEU C 58 8.04 19.56 21.44
C LEU C 58 9.22 19.77 20.53
N THR C 59 9.63 18.67 19.91
CA THR C 59 10.78 18.62 19.03
C THR C 59 10.39 19.21 17.68
N THR C 60 11.34 19.74 16.95
CA THR C 60 11.04 20.33 15.68
C THR C 60 10.38 19.34 14.82
N PHE C 61 11.12 18.30 14.44
CA PHE C 61 10.69 17.39 13.38
C PHE C 61 10.35 15.98 13.83
N THR C 62 10.41 15.05 12.88
CA THR C 62 10.03 13.67 13.12
C THR C 62 11.15 12.85 13.77
N VAL C 63 12.35 12.91 13.20
CA VAL C 63 13.41 12.09 13.70
C VAL C 63 13.68 12.41 15.13
N LEU C 64 13.94 13.63 15.48
CA LEU C 64 14.13 13.86 16.88
C LEU C 64 13.05 13.19 17.66
N ALA C 65 11.83 13.65 17.48
CA ALA C 65 10.72 13.09 18.23
C ALA C 65 10.81 11.58 18.39
N ASP C 66 10.96 10.76 17.39
CA ASP C 66 10.86 9.41 17.86
C ASP C 66 12.06 9.17 18.69
N MET C 67 13.16 9.69 18.25
CA MET C 67 14.35 9.30 18.92
C MET C 67 14.37 9.77 20.33
N VAL C 68 13.46 10.69 20.67
CA VAL C 68 13.34 11.18 22.03
C VAL C 68 12.14 10.52 22.69
N GLN C 69 11.17 10.12 21.87
CA GLN C 69 10.00 9.42 22.36
C GLN C 69 10.40 8.04 22.86
N ASN C 70 11.46 7.49 22.29
CA ASN C 70 11.95 6.21 22.70
C ASN C 70 12.60 6.38 24.02
N VAL C 71 13.37 7.44 24.15
CA VAL C 71 14.14 7.58 25.35
C VAL C 71 13.32 7.99 26.53
N ALA C 72 12.62 9.08 26.43
CA ALA C 72 11.80 9.56 27.54
C ALA C 72 10.81 8.52 28.05
N GLY C 73 10.44 7.58 27.20
CA GLY C 73 9.51 6.53 27.57
C GLY C 73 8.13 7.08 27.90
N ASP C 74 7.36 6.30 28.67
CA ASP C 74 6.02 6.73 29.06
C ASP C 74 6.16 7.55 30.34
N LYS C 75 7.18 8.40 30.37
CA LYS C 75 7.43 9.26 31.51
C LYS C 75 6.83 10.62 31.15
N LEU C 76 7.03 11.01 29.89
CA LEU C 76 6.51 12.26 29.43
C LEU C 76 5.90 12.14 28.09
N VAL C 77 5.41 13.26 27.58
CA VAL C 77 4.73 13.20 26.30
C VAL C 77 5.33 14.04 25.22
N VAL C 78 5.87 13.30 24.29
CA VAL C 78 6.68 13.89 23.22
C VAL C 78 5.83 14.19 21.99
N GLU C 79 5.94 15.41 21.47
CA GLU C 79 5.17 15.73 20.28
C GLU C 79 5.90 16.64 19.30
N SER C 80 5.72 16.37 18.01
CA SER C 80 6.48 16.94 16.93
C SER C 80 5.68 18.01 16.19
N ILE C 81 6.35 19.05 15.75
CA ILE C 81 5.71 20.06 14.97
C ILE C 81 5.38 19.69 13.56
N THR C 82 6.41 19.56 12.77
CA THR C 82 6.17 19.14 11.44
C THR C 82 5.66 17.75 11.61
N ARG C 83 4.55 17.44 10.93
CA ARG C 83 3.96 16.11 11.01
C ARG C 83 4.38 15.25 9.83
N ILE C 84 5.29 14.31 10.09
CA ILE C 84 5.77 13.41 9.05
C ILE C 84 6.41 14.05 7.82
N GLY C 85 5.77 13.88 6.67
CA GLY C 85 6.28 14.43 5.43
C GLY C 85 6.31 15.87 4.93
N ALA C 86 7.01 16.73 5.67
CA ALA C 86 7.12 18.14 5.29
C ALA C 86 8.52 18.73 5.28
N GLU C 87 8.79 19.58 4.29
CA GLU C 87 10.09 20.22 4.16
C GLU C 87 10.37 21.06 5.40
N ILE C 88 11.36 20.63 6.19
CA ILE C 88 11.73 21.35 7.40
C ILE C 88 12.37 22.70 7.08
N HIS C 89 13.25 22.70 6.07
CA HIS C 89 13.93 23.92 5.67
C HIS C 89 12.99 24.82 4.91
N GLY C 90 12.37 25.75 5.62
CA GLY C 90 11.45 26.69 5.01
C GLY C 90 10.02 26.46 5.47
N TYR C 91 9.86 26.07 6.73
CA TYR C 91 8.58 25.82 7.28
C TYR C 91 7.92 27.13 7.63
N GLU C 92 6.63 27.12 7.61
CA GLU C 92 5.95 28.32 7.89
C GLU C 92 4.99 27.89 8.91
N PRO C 93 5.28 28.23 10.14
CA PRO C 93 4.45 27.87 11.30
C PRO C 93 3.19 28.73 11.42
N THR C 94 2.09 28.01 11.55
CA THR C 94 0.77 28.56 11.83
C THR C 94 0.74 29.01 13.23
N PRO C 95 -0.18 29.91 13.51
CA PRO C 95 -0.37 30.15 14.95
C PRO C 95 -0.72 28.91 15.77
N SER C 96 -1.23 27.85 15.13
CA SER C 96 -1.62 26.64 15.85
C SER C 96 -0.46 25.99 16.60
N ASP C 97 0.65 25.80 15.90
CA ASP C 97 1.78 25.08 16.47
C ASP C 97 2.66 26.01 17.26
N ILE C 98 2.17 27.20 17.54
CA ILE C 98 2.91 28.00 18.47
C ILE C 98 2.35 27.63 19.78
N VAL C 99 1.08 27.91 19.97
CA VAL C 99 0.50 27.76 21.27
C VAL C 99 0.99 26.56 22.04
N LYS C 100 1.29 25.49 21.30
CA LYS C 100 1.86 24.29 21.89
C LYS C 100 3.21 24.58 22.58
N ALA C 101 3.71 25.80 22.44
CA ALA C 101 4.97 26.18 23.04
C ALA C 101 4.81 26.75 24.46
N GLN C 102 3.86 27.67 24.62
CA GLN C 102 3.65 28.30 25.93
C GLN C 102 3.10 27.31 26.96
N ASP C 103 2.84 26.11 26.52
CA ASP C 103 2.30 25.18 27.45
C ASP C 103 3.31 24.75 28.53
N ALA C 104 4.36 24.06 28.14
CA ALA C 104 5.31 23.53 29.13
C ALA C 104 6.76 23.60 28.68
N ASP C 105 7.67 23.36 29.62
CA ASP C 105 9.10 23.36 29.33
C ASP C 105 9.48 22.14 28.50
N LEU C 106 10.11 22.37 27.37
CA LEU C 106 10.51 21.30 26.46
C LEU C 106 10.57 21.59 24.96
N ILE C 107 11.41 22.30 24.36
CA ILE C 107 11.57 22.66 22.96
C ILE C 107 13.00 22.38 22.47
N LEU C 108 13.24 21.14 22.06
CA LEU C 108 14.51 20.76 21.59
C LEU C 108 14.55 21.05 20.17
N TYR C 109 15.77 21.28 19.72
CA TYR C 109 16.02 21.51 18.33
C TYR C 109 17.41 21.15 17.89
N ASN C 110 17.53 20.69 16.65
CA ASN C 110 18.83 20.20 16.19
C ASN C 110 19.89 21.29 16.18
N GLY C 111 19.52 22.46 15.68
CA GLY C 111 20.46 23.55 15.55
C GLY C 111 21.20 23.49 14.23
N MET C 112 22.34 24.19 14.17
CA MET C 112 23.13 24.29 12.94
C MET C 112 22.31 24.79 11.76
N ASN C 113 21.35 25.65 12.09
CA ASN C 113 20.50 26.36 11.16
C ASN C 113 19.37 25.61 10.51
N LEU C 114 19.40 24.28 10.59
CA LEU C 114 18.37 23.45 9.99
C LEU C 114 16.98 24.04 10.23
N GLU C 115 16.82 24.73 11.35
CA GLU C 115 15.55 25.35 11.70
C GLU C 115 15.52 26.83 11.32
N ALA C 116 15.86 27.12 10.08
CA ALA C 116 15.88 28.49 9.58
C ALA C 116 14.66 29.25 10.10
N TRP C 117 13.61 28.51 10.44
CA TRP C 117 12.38 29.10 10.95
C TRP C 117 12.26 29.08 12.43
N PHE C 118 13.28 28.45 13.09
CA PHE C 118 13.28 28.36 14.54
C PHE C 118 13.43 29.70 15.25
N GLU C 119 14.58 30.26 15.23
CA GLU C 119 14.86 31.54 15.87
C GLU C 119 13.67 32.48 15.69
N GLN C 120 13.13 32.53 14.49
CA GLN C 120 11.98 33.38 14.20
C GLN C 120 10.68 32.77 14.71
N PHE C 121 10.79 31.57 15.29
CA PHE C 121 9.65 30.90 15.80
C PHE C 121 9.57 31.12 17.26
N LEU C 122 10.61 30.73 17.95
CA LEU C 122 10.57 30.77 19.38
C LEU C 122 10.43 32.17 19.90
N GLY C 123 10.75 33.14 19.06
CA GLY C 123 10.83 34.53 19.44
C GLY C 123 9.50 35.17 19.80
N ASN C 124 8.45 34.36 19.92
CA ASN C 124 7.13 34.86 20.27
C ASN C 124 6.63 34.33 21.61
N VAL C 125 7.28 33.29 22.07
CA VAL C 125 6.84 32.55 23.21
C VAL C 125 7.63 32.88 24.48
N VAL C 128 9.43 28.76 27.35
CA VAL C 128 9.80 27.79 26.34
C VAL C 128 11.31 27.80 26.10
N PRO C 129 12.06 27.29 27.07
CA PRO C 129 13.49 27.24 26.96
C PRO C 129 13.85 26.11 26.03
N SER C 130 14.45 26.40 24.92
CA SER C 130 14.71 25.34 24.00
C SER C 130 16.08 24.84 24.20
N VAL C 131 16.38 23.69 23.63
CA VAL C 131 17.66 23.05 23.81
C VAL C 131 18.36 22.84 22.47
N VAL C 132 19.59 23.20 22.38
CA VAL C 132 20.12 22.99 21.12
C VAL C 132 21.03 21.84 21.26
N LEU C 133 20.85 20.90 20.37
CA LEU C 133 21.52 19.63 20.38
C LEU C 133 22.70 19.71 19.45
N THR C 134 23.49 18.65 19.43
CA THR C 134 24.73 18.66 18.65
C THR C 134 25.72 19.74 19.10
N GLU C 135 25.77 19.97 20.41
CA GLU C 135 26.67 20.99 20.95
C GLU C 135 28.06 20.41 21.24
N GLY C 136 28.24 19.14 20.94
CA GLY C 136 29.52 18.48 21.17
C GLY C 136 30.06 17.73 19.97
N ILE C 137 29.49 18.00 18.79
CA ILE C 137 29.96 17.36 17.57
C ILE C 137 30.33 18.42 16.52
N GLU C 138 31.52 18.27 15.93
CA GLU C 138 31.99 19.18 14.90
C GLU C 138 31.49 18.75 13.53
N PRO C 139 31.04 19.73 12.75
CA PRO C 139 30.32 19.54 11.50
C PRO C 139 31.17 19.87 10.29
N ILE C 140 30.79 19.37 9.12
CA ILE C 140 31.54 19.63 7.90
C ILE C 140 30.66 20.26 6.84
N PRO C 141 31.24 21.16 6.05
CA PRO C 141 30.50 21.85 4.98
C PRO C 141 30.50 21.03 3.68
N ASP C 149 29.48 29.05 6.16
CA ASP C 149 28.71 29.42 7.33
C ASP C 149 28.03 28.18 7.92
N LYS C 150 26.83 27.87 7.44
CA LYS C 150 26.12 26.68 7.85
C LYS C 150 26.93 25.43 7.54
N PRO C 151 27.44 24.79 8.60
CA PRO C 151 28.24 23.57 8.44
C PRO C 151 27.40 22.31 8.56
N ASN C 152 26.66 21.98 7.50
CA ASN C 152 25.86 20.77 7.44
C ASN C 152 24.96 20.58 8.66
N PRO C 153 23.69 20.27 8.42
CA PRO C 153 22.72 20.10 9.51
C PRO C 153 22.43 18.63 9.82
N HIS C 154 22.34 17.81 8.79
CA HIS C 154 22.02 16.40 8.93
C HIS C 154 23.12 15.67 9.64
N ALA C 155 23.19 15.84 10.95
CA ALA C 155 24.22 15.19 11.76
C ALA C 155 23.85 13.78 12.19
N TRP C 156 22.59 13.50 12.31
CA TRP C 156 22.28 12.27 12.92
C TRP C 156 22.75 11.12 12.08
N MET C 157 22.76 11.31 10.79
CA MET C 157 23.01 10.26 9.82
C MET C 157 24.07 9.27 10.28
N SER C 158 25.15 9.79 10.84
CA SER C 158 26.19 8.94 11.40
C SER C 158 25.75 8.41 12.76
N PRO C 159 25.80 7.08 12.94
CA PRO C 159 25.32 6.41 14.15
C PRO C 159 26.09 6.85 15.40
N ARG C 160 27.36 7.15 15.28
CA ARG C 160 28.05 7.57 16.47
C ARG C 160 27.50 8.91 16.83
N ASN C 161 27.36 9.72 15.81
CA ASN C 161 26.94 11.10 16.05
C ASN C 161 25.54 11.17 16.62
N ALA C 162 24.75 10.14 16.38
CA ALA C 162 23.39 10.08 16.92
C ALA C 162 23.41 9.67 18.39
N LEU C 163 24.56 9.24 18.87
CA LEU C 163 24.74 8.92 20.28
C LEU C 163 25.07 10.19 21.05
N VAL C 164 25.62 11.17 20.32
CA VAL C 164 25.79 12.51 20.86
C VAL C 164 24.42 13.15 21.03
N TYR C 165 23.50 12.84 20.12
CA TYR C 165 22.13 13.32 20.18
C TYR C 165 21.46 12.90 21.48
N VAL C 166 21.57 11.62 21.82
CA VAL C 166 20.92 11.09 23.01
C VAL C 166 21.69 11.40 24.28
N GLU C 167 22.76 12.16 24.28
CA GLU C 167 23.11 12.51 25.66
C GLU C 167 22.61 13.83 26.03
N ASN C 168 23.06 14.89 25.43
CA ASN C 168 22.57 16.17 25.85
C ASN C 168 21.04 16.16 26.10
N ILE C 169 20.33 15.15 25.61
CA ILE C 169 19.00 14.98 25.99
C ILE C 169 18.85 14.58 27.41
N ARG C 170 19.40 13.41 27.71
CA ARG C 170 19.16 12.80 28.98
C ARG C 170 19.37 13.84 30.01
N GLN C 171 20.56 14.35 30.01
CA GLN C 171 20.93 15.13 31.17
C GLN C 171 20.06 16.32 31.24
N ALA C 172 19.67 16.82 30.10
CA ALA C 172 18.81 17.99 30.15
C ALA C 172 17.42 17.59 30.64
N PHE C 173 17.08 16.36 30.40
CA PHE C 173 15.84 15.96 30.91
C PHE C 173 15.85 16.00 32.42
N VAL C 174 16.94 15.55 32.99
CA VAL C 174 16.92 15.36 34.39
C VAL C 174 16.60 16.66 35.07
N GLU C 175 17.07 17.76 34.49
CA GLU C 175 16.97 19.07 35.07
C GLU C 175 15.60 19.62 34.85
N LEU C 176 14.88 18.95 33.99
CA LEU C 176 13.48 19.24 33.71
C LEU C 176 12.60 18.37 34.61
N ASP C 177 13.06 17.13 34.83
CA ASP C 177 12.37 16.16 35.68
C ASP C 177 13.32 15.37 36.56
N PRO C 178 13.56 15.83 37.74
CA PRO C 178 14.58 14.96 38.27
C PRO C 178 13.90 13.80 38.90
N ASP C 179 12.64 13.99 39.24
CA ASP C 179 11.91 12.92 39.89
C ASP C 179 11.86 11.67 39.02
N ASN C 180 12.53 11.73 37.87
CA ASN C 180 12.54 10.62 36.94
C ASN C 180 13.88 10.46 36.22
N ALA C 181 14.96 10.83 36.90
CA ALA C 181 16.29 10.71 36.33
C ALA C 181 16.75 9.26 36.25
N LYS C 182 16.11 8.34 36.88
CA LYS C 182 16.71 7.08 36.63
C LYS C 182 16.17 6.63 35.31
N TYR C 183 14.89 6.87 35.11
CA TYR C 183 14.26 6.29 33.98
C TYR C 183 15.06 6.65 32.74
N TYR C 184 15.44 7.90 32.69
CA TYR C 184 16.05 8.37 31.50
C TYR C 184 17.34 7.62 31.39
N ASN C 185 18.05 7.56 32.48
CA ASN C 185 19.38 6.95 32.53
C ASN C 185 19.30 5.47 32.19
N ALA C 186 18.13 4.88 32.41
CA ALA C 186 17.92 3.49 32.06
C ALA C 186 17.64 3.32 30.58
N ASN C 187 16.96 4.27 29.97
CA ASN C 187 16.63 4.11 28.58
C ASN C 187 17.75 4.50 27.68
N ALA C 188 18.33 5.62 28.02
CA ALA C 188 19.42 6.08 27.19
C ALA C 188 20.51 5.02 27.11
N ALA C 189 20.68 4.27 28.20
CA ALA C 189 21.64 3.18 28.24
C ALA C 189 21.26 2.08 27.26
N VAL C 190 20.00 1.78 27.14
CA VAL C 190 19.69 0.80 26.15
C VAL C 190 19.92 1.44 24.83
N TYR C 191 19.25 2.51 24.57
CA TYR C 191 19.34 3.00 23.23
C TYR C 191 20.78 3.09 22.81
N SER C 192 21.57 3.81 23.56
CA SER C 192 22.96 4.04 23.15
C SER C 192 23.66 2.76 22.68
N GLU C 193 23.38 1.62 23.20
CA GLU C 193 24.11 0.58 22.52
C GLU C 193 23.30 0.19 21.35
N GLN C 194 22.00 0.28 21.42
CA GLN C 194 21.25 -0.12 20.27
C GLN C 194 21.77 0.57 19.04
N LEU C 195 22.36 1.71 19.24
CA LEU C 195 22.98 2.34 18.13
C LEU C 195 24.26 1.64 17.88
N LYS C 196 25.03 1.46 18.95
CA LYS C 196 26.36 0.87 18.80
C LYS C 196 26.28 -0.37 17.93
N ALA C 197 25.22 -1.17 18.16
CA ALA C 197 25.03 -2.43 17.45
C ALA C 197 24.66 -2.19 15.99
N ILE C 198 23.89 -1.13 15.78
CA ILE C 198 23.48 -0.82 14.47
C ILE C 198 24.78 -0.56 13.73
N ASP C 199 25.54 0.46 14.12
CA ASP C 199 26.80 0.80 13.41
C ASP C 199 27.52 -0.41 12.94
N ARG C 200 27.55 -1.41 13.82
CA ARG C 200 28.25 -2.64 13.46
C ARG C 200 27.71 -3.21 12.17
N GLN C 201 26.40 -3.20 12.02
CA GLN C 201 25.86 -3.67 10.80
C GLN C 201 26.16 -2.67 9.74
N LEU C 202 25.74 -1.42 9.96
CA LEU C 202 25.93 -0.38 8.97
C LEU C 202 27.30 -0.47 8.33
N GLY C 203 28.34 -0.45 9.17
CA GLY C 203 29.71 -0.56 8.71
C GLY C 203 29.98 -1.85 7.97
N ALA C 204 29.20 -2.89 8.29
CA ALA C 204 29.37 -4.20 7.66
C ALA C 204 28.44 -4.39 6.46
N ASP C 205 27.46 -3.50 6.31
CA ASP C 205 26.52 -3.57 5.21
C ASP C 205 27.07 -2.89 3.96
N LEU C 206 27.68 -1.73 4.15
CA LEU C 206 28.26 -0.98 3.04
C LEU C 206 29.72 -1.33 2.83
N GLU C 207 30.18 -2.39 3.49
CA GLU C 207 31.56 -2.84 3.38
C GLU C 207 31.71 -3.91 2.29
N GLN C 208 30.65 -4.09 1.51
CA GLN C 208 30.66 -5.08 0.45
C GLN C 208 30.85 -4.42 -0.90
N VAL C 209 31.14 -3.13 -0.82
CA VAL C 209 31.27 -2.26 -1.96
C VAL C 209 32.69 -2.29 -2.51
N PHE C 215 28.99 4.18 -4.33
CA PHE C 215 29.04 5.61 -4.57
C PHE C 215 27.64 6.09 -4.83
N LEU C 216 27.07 6.67 -3.80
CA LEU C 216 25.66 7.02 -3.73
C LEU C 216 25.39 8.35 -4.43
N VAL C 217 24.11 8.63 -4.55
CA VAL C 217 23.65 9.75 -5.30
C VAL C 217 22.29 10.16 -4.76
N SER C 218 22.17 11.42 -4.35
CA SER C 218 20.87 11.86 -3.83
C SER C 218 20.51 13.30 -4.22
N CYS C 219 19.34 13.79 -3.82
CA CYS C 219 18.99 15.14 -4.21
C CYS C 219 19.55 16.14 -3.24
N GLU C 220 19.51 15.79 -1.96
CA GLU C 220 20.02 16.69 -0.92
C GLU C 220 21.31 16.17 -0.31
N GLY C 221 22.34 17.01 -0.29
CA GLY C 221 23.62 16.62 0.31
C GLY C 221 23.42 16.34 1.79
N ALA C 222 22.61 15.33 2.08
CA ALA C 222 22.18 15.03 3.44
C ALA C 222 22.91 13.81 3.97
N PHE C 223 23.63 13.14 3.09
CA PHE C 223 24.28 11.89 3.44
C PHE C 223 25.79 12.04 3.52
N SER C 224 26.25 13.25 3.67
CA SER C 224 27.66 13.37 3.79
C SER C 224 28.11 12.76 5.10
N TYR C 225 27.37 13.01 6.17
CA TYR C 225 27.72 12.41 7.45
C TYR C 225 27.91 10.91 7.36
N LEU C 226 26.95 10.21 6.82
CA LEU C 226 27.08 8.80 6.76
C LEU C 226 28.28 8.49 5.91
N ALA C 227 28.30 9.11 4.76
CA ALA C 227 29.36 8.80 3.79
C ALA C 227 30.74 9.05 4.38
N ARG C 228 30.83 10.02 5.27
CA ARG C 228 32.10 10.37 5.90
C ARG C 228 32.56 9.29 6.87
N ASP C 229 31.60 8.68 7.57
CA ASP C 229 31.89 7.55 8.45
C ASP C 229 32.35 6.35 7.66
N TYR C 230 31.75 6.20 6.49
CA TYR C 230 31.85 4.95 5.77
C TYR C 230 32.58 4.98 4.47
N GLY C 231 33.33 6.03 4.25
CA GLY C 231 34.02 6.27 3.00
C GLY C 231 33.11 6.53 1.82
N ILE C 235 27.69 12.73 -2.98
CA ILE C 235 27.36 13.30 -4.28
C ILE C 235 25.89 13.69 -4.34
N TYR C 236 25.61 14.88 -4.83
CA TYR C 236 24.31 15.51 -4.60
C TYR C 236 24.04 16.63 -5.59
N MET C 237 22.76 16.80 -5.92
CA MET C 237 22.32 17.82 -6.86
C MET C 237 22.61 19.22 -6.30
N TRP C 238 22.11 19.47 -5.10
CA TRP C 238 22.30 20.74 -4.44
C TRP C 238 22.74 20.57 -3.02
N PRO C 239 23.66 21.43 -2.58
CA PRO C 239 24.17 21.36 -1.21
C PRO C 239 23.07 21.11 -0.19
N ILE C 240 22.40 22.18 0.23
CA ILE C 240 21.30 22.06 1.21
C ILE C 240 19.95 22.27 0.54
N ASN C 241 18.91 22.40 1.36
CA ASN C 241 17.58 22.60 0.86
C ASN C 241 17.07 24.06 1.04
N ALA C 242 16.65 24.75 -0.01
CA ALA C 242 16.29 26.16 0.03
C ALA C 242 15.25 26.47 -1.04
N GLU C 243 14.48 27.53 -0.83
CA GLU C 243 13.46 27.94 -1.78
C GLU C 243 14.09 28.61 -2.99
N THR C 247 16.85 24.10 -11.12
CA THR C 247 17.91 24.91 -11.71
C THR C 247 18.83 23.87 -12.35
N PRO C 248 18.76 23.68 -13.66
CA PRO C 248 19.40 22.56 -14.35
C PRO C 248 20.89 22.52 -14.21
N LYS C 249 21.57 23.62 -14.05
CA LYS C 249 22.99 23.54 -13.79
C LYS C 249 23.25 22.41 -12.81
N GLN C 250 22.55 22.43 -11.68
CA GLN C 250 22.85 21.43 -10.69
C GLN C 250 22.49 20.03 -11.12
N VAL C 251 21.66 19.90 -12.13
CA VAL C 251 21.35 18.58 -12.64
C VAL C 251 22.22 18.23 -13.84
N GLN C 252 22.74 19.25 -14.52
CA GLN C 252 23.56 19.03 -15.72
C GLN C 252 25.01 18.68 -15.39
N THR C 253 25.56 19.38 -14.43
CA THR C 253 26.95 19.23 -14.09
C THR C 253 27.18 17.88 -13.42
N VAL C 254 26.08 17.25 -13.03
CA VAL C 254 26.14 15.95 -12.37
C VAL C 254 25.81 14.82 -13.35
N ILE C 255 26.31 14.94 -14.57
CA ILE C 255 26.06 13.92 -15.60
C ILE C 255 26.73 12.61 -15.25
N ASN C 261 28.40 9.11 -14.47
CA ASN C 261 29.37 8.23 -13.85
C ASN C 261 29.16 8.11 -12.34
N ASN C 262 28.66 6.96 -11.91
CA ASN C 262 28.35 5.87 -12.83
C ASN C 262 27.43 4.83 -12.19
N VAL C 263 27.20 4.97 -10.89
CA VAL C 263 26.34 4.04 -10.16
C VAL C 263 24.92 4.02 -10.73
N PRO C 264 24.47 2.84 -11.12
CA PRO C 264 23.13 2.69 -11.68
C PRO C 264 22.03 3.06 -10.69
N THR C 265 22.30 2.86 -9.40
CA THR C 265 21.36 3.18 -8.38
C THR C 265 21.38 4.68 -8.18
N ILE C 266 20.23 5.28 -8.37
CA ILE C 266 19.97 6.66 -8.08
C ILE C 266 18.94 6.71 -6.92
N PHE C 267 18.94 7.77 -6.10
CA PHE C 267 17.97 7.79 -5.03
C PHE C 267 17.55 9.17 -4.70
N CYS C 268 16.31 9.32 -4.24
CA CYS C 268 15.74 10.60 -3.85
C CYS C 268 15.08 10.55 -2.48
N GLU C 269 14.53 11.68 -2.07
CA GLU C 269 14.20 11.80 -0.68
C GLU C 269 12.76 12.06 -0.36
N SER C 270 12.42 11.80 0.90
CA SER C 270 11.03 11.82 1.32
C SER C 270 10.47 13.24 1.34
N THR C 271 11.37 14.23 1.34
CA THR C 271 10.96 15.62 1.48
C THR C 271 10.84 16.34 0.14
N VAL C 272 11.97 16.59 -0.47
CA VAL C 272 12.09 17.33 -1.70
C VAL C 272 11.35 16.69 -2.85
N SER C 273 11.09 17.44 -3.92
CA SER C 273 10.62 16.83 -5.16
C SER C 273 11.64 15.90 -5.80
N ASP C 274 11.09 15.12 -6.75
CA ASP C 274 11.73 14.01 -7.44
C ASP C 274 12.33 14.37 -8.74
N LYS C 275 11.87 15.49 -9.24
CA LYS C 275 11.99 15.86 -10.64
C LYS C 275 13.44 15.82 -11.11
N GLY C 276 14.33 16.41 -10.31
CA GLY C 276 15.74 16.47 -10.65
C GLY C 276 16.39 15.11 -10.82
N GLN C 277 15.94 14.14 -10.03
CA GLN C 277 16.45 12.77 -10.11
C GLN C 277 15.86 12.04 -11.31
N LYS C 278 14.59 12.29 -11.58
CA LYS C 278 13.97 11.68 -12.71
C LYS C 278 14.82 11.96 -13.93
N GLN C 279 15.15 13.22 -14.11
CA GLN C 279 15.80 13.70 -15.34
C GLN C 279 17.08 12.92 -15.63
N VAL C 280 17.96 12.83 -14.64
CA VAL C 280 19.23 12.13 -14.81
C VAL C 280 19.04 10.62 -14.82
N ALA C 281 17.91 10.14 -14.31
CA ALA C 281 17.62 8.72 -14.32
C ALA C 281 17.35 8.23 -15.73
N GLN C 282 16.58 8.95 -16.52
CA GLN C 282 16.41 8.46 -17.86
C GLN C 282 17.69 8.73 -18.57
N ALA C 283 18.26 9.85 -18.26
CA ALA C 283 19.40 10.32 -19.04
C ALA C 283 20.54 9.31 -18.99
N GLY C 290 14.71 4.11 -5.25
CA GLY C 290 13.46 4.71 -4.83
C GLY C 290 13.66 5.97 -4.00
N ASN C 291 12.90 6.09 -2.92
CA ASN C 291 12.99 7.25 -2.04
C ASN C 291 13.71 6.94 -0.73
N LEU C 292 14.73 7.72 -0.42
CA LEU C 292 15.43 7.62 0.86
C LEU C 292 14.68 8.38 1.95
N TYR C 293 15.27 8.40 3.14
CA TYR C 293 14.67 9.10 4.27
C TYR C 293 15.74 9.78 5.12
N VAL C 294 15.60 11.09 5.30
CA VAL C 294 16.55 11.86 6.08
C VAL C 294 15.87 12.89 6.97
N ASP C 295 15.40 13.97 6.37
CA ASP C 295 14.74 15.04 7.11
C ASP C 295 13.34 14.66 7.59
N SER C 296 12.89 13.48 7.20
CA SER C 296 11.56 13.02 7.60
C SER C 296 11.59 11.51 7.76
N LEU C 297 10.49 10.98 8.26
CA LEU C 297 10.35 9.58 8.55
C LEU C 297 9.08 9.10 7.89
N SER C 298 8.52 8.00 8.34
CA SER C 298 7.25 7.52 7.79
C SER C 298 6.19 7.40 8.87
N THR C 299 4.97 7.11 8.43
CA THR C 299 3.88 6.84 9.36
C THR C 299 4.00 5.44 9.95
N GLU C 300 2.94 5.03 10.62
CA GLU C 300 2.89 3.81 11.38
C GLU C 300 3.22 2.58 10.55
N GLU C 301 2.86 2.61 9.29
CA GLU C 301 2.97 1.46 8.40
C GLU C 301 4.22 1.48 7.56
N GLY C 302 4.32 2.47 6.67
CA GLY C 302 5.39 2.54 5.70
C GLY C 302 6.77 2.36 6.28
N PRO C 303 7.66 1.72 5.52
CA PRO C 303 9.03 1.45 5.98
C PRO C 303 9.65 2.66 6.67
N VAL C 304 10.38 2.41 7.76
CA VAL C 304 11.05 3.47 8.50
C VAL C 304 10.10 4.19 9.45
N PRO C 305 9.39 3.41 10.26
CA PRO C 305 8.46 3.99 11.24
C PRO C 305 9.20 4.54 12.45
N THR C 306 10.47 4.17 12.61
CA THR C 306 11.30 4.64 13.71
C THR C 306 12.71 4.93 13.22
N PHE C 307 13.46 5.66 14.01
CA PHE C 307 14.74 6.12 13.56
C PHE C 307 15.68 4.98 13.39
N LEU C 308 15.58 3.98 14.23
CA LEU C 308 16.60 3.00 14.09
C LEU C 308 16.42 2.34 12.76
N ASP C 309 15.20 2.08 12.38
CA ASP C 309 15.04 1.43 11.14
C ASP C 309 15.62 2.28 10.05
N LEU C 310 15.78 3.56 10.31
CA LEU C 310 16.31 4.42 9.34
C LEU C 310 17.72 4.00 9.02
N LEU C 311 18.46 3.70 10.04
CA LEU C 311 19.85 3.46 9.83
C LEU C 311 19.98 2.30 8.91
N GLU C 312 19.30 1.21 9.22
CA GLU C 312 19.33 0.02 8.39
C GLU C 312 18.69 0.28 7.04
N TYR C 313 17.41 0.65 7.05
CA TYR C 313 16.68 0.94 5.82
C TYR C 313 17.16 2.25 5.20
N ASP C 314 16.65 2.56 4.01
CA ASP C 314 17.03 3.77 3.30
C ASP C 314 18.49 3.57 2.94
N ALA C 315 19.32 3.33 3.95
CA ALA C 315 20.74 3.11 3.74
C ALA C 315 21.16 1.80 3.08
N ARG C 316 20.50 0.71 3.48
CA ARG C 316 20.78 -0.59 2.93
C ARG C 316 20.34 -0.62 1.49
N VAL C 317 19.28 0.11 1.19
CA VAL C 317 18.82 0.08 -0.20
C VAL C 317 19.92 0.60 -1.11
N ILE C 318 20.91 1.24 -0.54
CA ILE C 318 21.98 1.63 -1.38
C ILE C 318 22.84 0.43 -1.58
N THR C 319 23.05 -0.26 -0.49
CA THR C 319 23.99 -1.35 -0.43
C THR C 319 23.82 -2.35 -1.53
N ASN C 320 22.57 -2.51 -1.92
CA ASN C 320 22.25 -3.38 -2.99
C ASN C 320 21.89 -2.50 -4.15
N GLY C 321 22.92 -2.05 -4.83
CA GLY C 321 22.80 -1.33 -6.09
C GLY C 321 24.15 -1.08 -6.73
#